data_7JI2
#
_entry.id   7JI2
#
_cell.length_a   66.427
_cell.length_b   90.011
_cell.length_c   89.674
_cell.angle_alpha   90.000
_cell.angle_beta   111.700
_cell.angle_gamma   90.000
#
_symmetry.space_group_name_H-M   'P 1 21 1'
#
loop_
_entity.id
_entity.type
_entity.pdbx_description
1 polymer 'H-2 class I histocompatibility antigen, K-B alpha chain'
2 polymer Beta-2-microglobulin
3 polymer 'OVA mutant peptide'
4 non-polymer GLYCEROL
5 water water
#
loop_
_entity_poly.entity_id
_entity_poly.type
_entity_poly.pdbx_seq_one_letter_code
_entity_poly.pdbx_strand_id
1 'polypeptide(L)'
;MGPHSLRYFVTAVSRPGLGEPRYMEVGYVDDTEFVRFDSDAENPRYEPRARWMEQEGPEYWERETQKAKGNEQSFRVDLR
TLLGYYNQSKGGSHTIQVISGCEVGSDGRLLRGYQQYAYDGCDYIALNEDLKTWTAADMAALITKHKWEQAGEAERLRAY
LEGTCVEWLRRYLKNGNATLLRTDSPKAHVTHHSRPEDKVTLRCWALGFYPADITLTWQLNGEELIQDMELVETRPAGDG
TFQKWASVVVPLGKEQYYTCHVYHQGLPEPLTLRWEPPPST
;
A,D
2 'polypeptide(L)'
;MIQKTPQIQVYSRHPPENGKPNILNCYVTQFHPPHIEIQMLKNGKKIPKVEMSDMSFSKDWSFYILAHTEFTPTETDTYA
CRVKHDSMAEPKTVYWDRDM
;
B,E
3 'polypeptide(L)' SIIQFEHL C,F
#
# COMPACT_ATOMS: atom_id res chain seq x y z
N GLY A 2 7.48 -3.04 -0.10
CA GLY A 2 6.34 -2.36 0.48
C GLY A 2 6.74 -1.30 1.50
N PRO A 3 5.75 -0.65 2.10
CA PRO A 3 6.05 0.38 3.10
C PRO A 3 6.57 -0.23 4.39
N HIS A 4 7.20 0.62 5.19
CA HIS A 4 7.75 0.21 6.48
C HIS A 4 7.34 1.23 7.54
N SER A 5 7.35 0.80 8.79
CA SER A 5 6.95 1.68 9.89
C SER A 5 7.80 1.41 11.12
N LEU A 6 8.00 2.47 11.90
CA LEU A 6 8.66 2.40 13.20
C LEU A 6 7.76 3.10 14.20
N ARG A 7 7.25 2.35 15.17
CA ARG A 7 6.26 2.88 16.09
C ARG A 7 6.59 2.48 17.52
N TYR A 8 6.30 3.39 18.46
CA TYR A 8 6.57 3.18 19.87
C TYR A 8 5.27 3.29 20.67
N PHE A 9 4.99 2.26 21.45
CA PHE A 9 3.81 2.18 22.29
C PHE A 9 4.22 2.41 23.74
N VAL A 10 3.71 3.48 24.35
CA VAL A 10 4.16 3.93 25.65
C VAL A 10 2.99 3.82 26.64
N THR A 11 3.29 3.32 27.84
CA THR A 11 2.29 3.19 28.91
C THR A 11 2.89 3.70 30.21
N ALA A 12 2.14 4.56 30.90
CA ALA A 12 2.51 5.06 32.22
C ALA A 12 1.29 4.92 33.13
N VAL A 13 1.42 4.09 34.15
CA VAL A 13 0.32 3.75 35.04
C VAL A 13 0.70 4.13 36.46
N SER A 14 -0.07 5.05 37.06
CA SER A 14 0.10 5.35 38.46
C SER A 14 -0.54 4.26 39.30
N ARG A 15 0.06 4.00 40.46
CA ARG A 15 -0.47 3.03 41.42
C ARG A 15 -0.18 3.52 42.83
N PRO A 16 -0.92 4.53 43.29
CA PRO A 16 -0.66 5.10 44.62
C PRO A 16 -0.85 4.05 45.70
N GLY A 17 0.08 4.03 46.65
CA GLY A 17 0.07 3.03 47.69
C GLY A 17 0.67 1.69 47.29
N LEU A 18 1.15 1.56 46.06
CA LEU A 18 1.83 0.35 45.62
C LEU A 18 3.25 0.60 45.12
N GLY A 19 3.66 1.87 44.99
CA GLY A 19 5.00 2.22 44.58
C GLY A 19 4.96 3.31 43.53
N GLU A 20 6.08 3.45 42.82
CA GLU A 20 6.21 4.45 41.77
C GLU A 20 5.42 4.02 40.54
N PRO A 21 5.04 4.98 39.69
CA PRO A 21 4.30 4.62 38.47
C PRO A 21 5.11 3.65 37.60
N ARG A 22 4.40 2.72 36.97
CA ARG A 22 5.04 1.82 36.01
C ARG A 22 5.16 2.52 34.67
N TYR A 23 6.32 2.41 34.05
CA TYR A 23 6.57 3.03 32.76
C TYR A 23 7.12 2.00 31.79
N MET A 24 6.56 1.96 30.58
CA MET A 24 7.00 1.04 29.55
C MET A 24 7.15 1.77 28.23
N GLU A 25 8.20 1.43 27.48
CA GLU A 25 8.41 1.88 26.12
C GLU A 25 8.62 0.64 25.26
N VAL A 26 7.74 0.44 24.28
CA VAL A 26 7.80 -0.73 23.41
C VAL A 26 7.85 -0.25 21.97
N GLY A 27 8.87 -0.68 21.24
CA GLY A 27 9.09 -0.27 19.86
C GLY A 27 8.74 -1.37 18.89
N TYR A 28 8.16 -0.98 17.75
CA TYR A 28 7.76 -1.92 16.71
C TYR A 28 8.31 -1.46 15.37
N VAL A 29 9.01 -2.36 14.68
CA VAL A 29 9.33 -2.21 13.27
C VAL A 29 8.39 -3.09 12.45
N ASP A 30 7.58 -2.45 11.60
CA ASP A 30 6.57 -3.13 10.80
C ASP A 30 5.69 -4.03 11.67
N ASP A 31 5.20 -3.47 12.77
CA ASP A 31 4.25 -4.11 13.66
C ASP A 31 4.89 -5.26 14.44
N THR A 32 6.23 -5.28 14.53
CA THR A 32 6.98 -6.34 15.18
C THR A 32 7.82 -5.74 16.30
N GLU A 33 7.58 -6.21 17.53
CA GLU A 33 8.30 -5.69 18.69
C GLU A 33 9.79 -6.00 18.58
N PHE A 34 10.62 -4.95 18.64
CA PHE A 34 12.06 -5.13 18.56
C PHE A 34 12.83 -4.56 19.76
N VAL A 35 12.21 -3.68 20.56
CA VAL A 35 12.82 -3.18 21.79
C VAL A 35 11.72 -2.99 22.83
N ARG A 36 12.12 -3.03 24.10
CA ARG A 36 11.17 -2.81 25.19
C ARG A 36 11.92 -2.32 26.43
N PHE A 37 11.33 -1.35 27.12
CA PHE A 37 11.83 -0.86 28.40
C PHE A 37 10.73 -1.02 29.43
N ASP A 38 11.07 -1.54 30.60
CA ASP A 38 10.11 -1.75 31.67
C ASP A 38 10.73 -1.24 32.96
N SER A 39 10.08 -0.26 33.59
CA SER A 39 10.63 0.30 34.82
C SER A 39 10.49 -0.65 36.00
N ASP A 40 9.66 -1.69 35.89
CA ASP A 40 9.46 -2.64 36.97
C ASP A 40 10.48 -3.78 36.98
N ALA A 41 11.41 -3.80 36.04
CA ALA A 41 12.46 -4.81 36.09
C ALA A 41 13.44 -4.48 37.22
N GLU A 42 14.12 -5.52 37.71
CA GLU A 42 15.16 -5.32 38.72
C GLU A 42 16.18 -4.31 38.23
N ASN A 43 16.66 -4.48 37.00
CA ASN A 43 17.49 -3.49 36.33
C ASN A 43 16.70 -2.88 35.20
N PRO A 44 16.31 -1.60 35.28
CA PRO A 44 15.54 -0.97 34.20
C PRO A 44 16.46 -0.47 33.09
N ARG A 45 16.46 -1.23 32.00
CA ARG A 45 17.30 -0.89 30.83
C ARG A 45 16.52 -1.25 29.59
N TYR A 46 16.83 -0.59 28.47
CA TYR A 46 16.24 -0.99 27.18
C TYR A 46 16.79 -2.38 26.87
N GLU A 47 15.94 -3.26 26.36
CA GLU A 47 16.38 -4.63 26.04
C GLU A 47 15.94 -4.92 24.62
N PRO A 48 16.78 -5.56 23.79
CA PRO A 48 16.39 -5.95 22.45
C PRO A 48 15.35 -7.07 22.59
N ARG A 49 14.30 -7.02 21.78
CA ARG A 49 13.24 -8.03 21.79
C ARG A 49 13.34 -8.85 20.50
N ALA A 50 14.36 -8.54 19.70
CA ALA A 50 14.63 -9.29 18.49
C ALA A 50 16.14 -9.49 18.40
N ARG A 51 16.55 -10.69 18.00
CA ARG A 51 17.97 -11.04 18.01
C ARG A 51 18.77 -10.16 17.05
N TRP A 52 18.11 -9.62 16.04
CA TRP A 52 18.84 -8.79 15.05
C TRP A 52 19.10 -7.40 15.62
N MET A 53 18.60 -7.10 16.81
CA MET A 53 18.86 -5.75 17.36
C MET A 53 20.15 -5.76 18.19
N GLU A 54 20.72 -6.93 18.39
CA GLU A 54 21.94 -7.10 19.24
C GLU A 54 23.22 -6.65 18.55
N GLN A 55 23.19 -6.38 17.26
CA GLN A 55 24.38 -5.80 16.60
C GLN A 55 24.59 -4.38 17.12
N GLU A 56 23.51 -3.64 17.40
CA GLU A 56 23.64 -2.27 17.95
C GLU A 56 24.54 -2.31 19.17
N GLY A 57 25.48 -1.37 19.23
CA GLY A 57 26.52 -1.26 20.26
C GLY A 57 26.06 -0.77 21.62
N PRO A 58 26.90 -0.90 22.66
CA PRO A 58 26.60 -0.53 24.06
C PRO A 58 26.26 0.97 24.23
N GLU A 59 26.84 1.80 23.38
CA GLU A 59 26.47 3.23 23.39
C GLU A 59 24.99 3.38 23.01
N TYR A 60 24.49 2.60 22.06
CA TYR A 60 23.06 2.80 21.67
C TYR A 60 22.13 2.49 22.84
N TRP A 61 22.35 1.35 23.49
CA TRP A 61 21.51 0.91 24.63
C TRP A 61 21.59 1.91 25.78
N GLU A 62 22.79 2.43 26.05
CA GLU A 62 22.93 3.42 27.14
C GLU A 62 22.28 4.73 26.70
N ARG A 63 22.27 5.10 25.56
N ARG A 63 22.26 5.10 25.55
CA ARG A 63 21.60 6.33 25.16
CA ARG A 63 21.60 6.33 25.18
C ARG A 63 20.09 6.18 25.28
C ARG A 63 20.08 6.19 25.26
N GLU A 64 19.55 5.04 24.83
CA GLU A 64 18.11 4.82 24.89
C GLU A 64 17.63 4.65 26.33
N THR A 65 18.42 3.95 27.15
CA THR A 65 18.03 3.72 28.54
C THR A 65 17.88 5.04 29.30
N GLN A 66 18.88 5.91 29.19
CA GLN A 66 18.81 7.19 29.89
C GLN A 66 17.72 8.09 29.33
N LYS A 67 17.44 7.97 28.03
CA LYS A 67 16.33 8.71 27.44
C LYS A 67 14.98 8.20 27.97
N ALA A 68 14.83 6.89 28.08
CA ALA A 68 13.60 6.33 28.64
C ALA A 68 13.40 6.77 30.08
N LYS A 69 14.48 6.82 30.85
CA LYS A 69 14.41 7.17 32.27
C LYS A 69 14.00 8.62 32.44
N GLY A 70 14.44 9.51 31.54
CA GLY A 70 13.96 10.87 31.55
C GLY A 70 12.54 11.00 31.04
N ASN A 71 12.16 10.18 30.07
CA ASN A 71 10.76 10.11 29.67
C ASN A 71 9.88 9.65 30.82
N GLU A 72 10.35 8.65 31.58
CA GLU A 72 9.59 8.17 32.73
C GLU A 72 9.32 9.28 33.73
N GLN A 73 10.30 10.14 33.97
CA GLN A 73 10.11 11.27 34.92
C GLN A 73 9.09 12.24 34.34
N SER A 74 9.15 12.46 33.03
CA SER A 74 8.21 13.39 32.36
C SER A 74 6.78 12.88 32.53
N PHE A 75 6.57 11.57 32.38
CA PHE A 75 5.23 10.94 32.56
C PHE A 75 4.75 10.99 34.03
N ARG A 76 5.70 10.85 34.95
CA ARG A 76 5.36 10.96 36.38
C ARG A 76 4.80 12.35 36.62
N VAL A 77 5.44 13.38 36.06
CA VAL A 77 4.94 14.77 36.17
C VAL A 77 3.58 14.87 35.46
N ASP A 78 3.45 14.27 34.28
CA ASP A 78 2.20 14.35 33.46
C ASP A 78 1.01 13.74 34.22
N LEU A 79 1.21 12.62 34.90
CA LEU A 79 0.11 11.98 35.65
C LEU A 79 -0.39 12.93 36.73
N ARG A 80 0.52 13.62 37.43
CA ARG A 80 0.12 14.60 38.46
C ARG A 80 -0.58 15.79 37.82
N THR A 81 -0.14 16.22 36.64
CA THR A 81 -0.75 17.37 35.99
C THR A 81 -2.20 17.08 35.64
N LEU A 82 -2.46 15.90 35.06
CA LEU A 82 -3.82 15.56 34.64
C LEU A 82 -4.75 15.32 35.81
N LEU A 83 -4.23 15.00 37.00
CA LEU A 83 -5.09 15.01 38.18
C LEU A 83 -5.65 16.40 38.43
N GLY A 84 -4.83 17.43 38.23
CA GLY A 84 -5.34 18.79 38.36
C GLY A 84 -6.28 19.18 37.23
N TYR A 85 -5.96 18.77 36.00
CA TYR A 85 -6.84 19.07 34.87
C TYR A 85 -8.24 18.51 35.09
N TYR A 86 -8.34 17.27 35.55
CA TYR A 86 -9.61 16.57 35.69
C TYR A 86 -10.19 16.63 37.09
N ASN A 87 -9.53 17.29 38.03
CA ASN A 87 -9.96 17.34 39.42
C ASN A 87 -10.15 15.93 39.99
N GLN A 88 -9.08 15.14 39.89
CA GLN A 88 -9.08 13.77 40.37
C GLN A 88 -8.17 13.64 41.58
N SER A 89 -8.49 12.67 42.43
CA SER A 89 -7.75 12.50 43.67
C SER A 89 -6.43 11.79 43.44
N LYS A 90 -5.51 11.99 44.37
CA LYS A 90 -4.19 11.35 44.31
C LYS A 90 -4.23 9.88 44.69
N GLY A 91 -5.39 9.33 45.03
CA GLY A 91 -5.50 7.95 45.46
C GLY A 91 -5.86 6.95 44.38
N GLY A 92 -6.35 7.44 43.24
CA GLY A 92 -6.76 6.57 42.17
C GLY A 92 -5.64 6.27 41.19
N SER A 93 -5.75 5.10 40.53
CA SER A 93 -4.81 4.71 39.50
C SER A 93 -5.28 5.22 38.14
N HIS A 94 -4.34 5.72 37.35
CA HIS A 94 -4.66 6.31 36.06
C HIS A 94 -3.60 5.92 35.05
N THR A 95 -3.96 5.98 33.77
CA THR A 95 -3.13 5.49 32.69
C THR A 95 -2.95 6.57 31.63
N ILE A 96 -1.70 6.73 31.17
CA ILE A 96 -1.38 7.55 30.01
C ILE A 96 -0.77 6.63 28.96
N GLN A 97 -1.29 6.70 27.73
CA GLN A 97 -0.79 5.88 26.63
C GLN A 97 -0.43 6.79 25.46
N VAL A 98 0.65 6.44 24.77
CA VAL A 98 1.13 7.18 23.60
C VAL A 98 1.47 6.20 22.49
N ILE A 99 1.06 6.52 21.27
CA ILE A 99 1.56 5.88 20.07
C ILE A 99 2.33 6.94 19.28
N SER A 100 3.60 6.66 19.01
CA SER A 100 4.49 7.61 18.36
C SER A 100 5.32 6.88 17.32
N GLY A 101 5.40 7.46 16.13
CA GLY A 101 6.23 6.87 15.10
C GLY A 101 5.84 7.35 13.71
N CYS A 102 6.43 6.69 12.72
CA CYS A 102 6.36 7.13 11.34
C CYS A 102 6.10 5.92 10.43
N GLU A 103 5.44 6.18 9.31
CA GLU A 103 5.26 5.19 8.25
C GLU A 103 5.96 5.70 7.00
N VAL A 104 6.82 4.85 6.42
CA VAL A 104 7.70 5.23 5.34
C VAL A 104 7.45 4.31 4.14
N GLY A 105 7.38 4.92 2.95
CA GLY A 105 7.16 4.16 1.73
C GLY A 105 8.42 3.52 1.19
N SER A 106 8.27 2.90 0.02
CA SER A 106 9.39 2.19 -0.60
C SER A 106 10.50 3.13 -1.01
N ASP A 107 10.17 4.38 -1.33
CA ASP A 107 11.17 5.37 -1.73
C ASP A 107 11.89 6.01 -0.56
N GLY A 108 11.55 5.65 0.68
CA GLY A 108 12.17 6.25 1.84
C GLY A 108 11.57 7.55 2.31
N ARG A 109 10.41 7.94 1.77
CA ARG A 109 9.76 9.18 2.12
C ARG A 109 8.66 8.92 3.15
N LEU A 110 8.42 9.91 4.00
CA LEU A 110 7.43 9.77 5.06
C LEU A 110 6.03 9.70 4.46
N LEU A 111 5.31 8.63 4.77
CA LEU A 111 3.90 8.48 4.33
C LEU A 111 2.99 9.05 5.41
N ARG A 112 3.16 8.58 6.65
CA ARG A 112 2.29 9.06 7.74
C ARG A 112 3.10 9.20 9.02
N GLY A 113 2.81 10.22 9.79
CA GLY A 113 3.46 10.49 11.07
C GLY A 113 2.44 10.39 12.18
N TYR A 114 2.80 9.82 13.32
CA TYR A 114 1.78 9.70 14.39
C TYR A 114 2.31 10.20 15.73
N GLN A 115 1.46 10.91 16.44
CA GLN A 115 1.69 11.27 17.83
C GLN A 115 0.33 11.35 18.50
N GLN A 116 -0.10 10.23 19.09
CA GLN A 116 -1.43 10.12 19.66
C GLN A 116 -1.34 9.83 21.15
N TYR A 117 -2.17 10.51 21.93
CA TYR A 117 -2.22 10.35 23.37
C TYR A 117 -3.58 9.82 23.81
N ALA A 118 -3.59 9.17 24.97
CA ALA A 118 -4.81 8.66 25.57
C ALA A 118 -4.69 8.77 27.09
N TYR A 119 -5.81 9.07 27.76
CA TYR A 119 -5.86 9.11 29.21
C TYR A 119 -6.99 8.22 29.69
N ASP A 120 -6.69 7.23 30.52
CA ASP A 120 -7.70 6.25 30.98
C ASP A 120 -8.42 5.59 29.79
N GLY A 121 -7.70 5.26 28.74
CA GLY A 121 -8.26 4.50 27.61
C GLY A 121 -9.07 5.30 26.60
N CYS A 122 -9.17 6.59 26.79
CA CYS A 122 -9.91 7.46 25.83
C CYS A 122 -8.95 8.45 25.18
N ASP A 123 -9.19 8.78 23.91
CA ASP A 123 -8.37 9.78 23.17
C ASP A 123 -8.20 11.06 24.01
N TYR A 124 -7.00 11.58 24.04
CA TYR A 124 -6.72 12.85 24.73
C TYR A 124 -6.36 13.90 23.65
N ILE A 125 -5.22 13.72 23.00
CA ILE A 125 -4.80 14.68 21.98
C ILE A 125 -3.99 13.94 20.93
N ALA A 126 -4.00 14.45 19.71
CA ALA A 126 -3.28 13.81 18.61
C ALA A 126 -2.78 14.86 17.62
N LEU A 127 -1.65 14.56 17.01
CA LEU A 127 -1.10 15.40 15.96
C LEU A 127 -1.81 15.09 14.64
N ASN A 128 -2.28 16.13 13.96
CA ASN A 128 -3.05 15.92 12.75
C ASN A 128 -2.13 15.51 11.59
N GLU A 129 -2.74 14.95 10.54
CA GLU A 129 -1.97 14.37 9.44
C GLU A 129 -1.09 15.39 8.76
N ASP A 130 -1.46 16.67 8.80
CA ASP A 130 -0.63 17.73 8.24
C ASP A 130 0.62 18.00 9.07
N LEU A 131 0.70 17.45 10.29
CA LEU A 131 1.85 17.61 11.17
C LEU A 131 2.08 19.07 11.56
N LYS A 132 0.99 19.84 11.65
CA LYS A 132 1.05 21.23 12.10
C LYS A 132 -0.01 21.59 13.12
N THR A 133 -1.12 20.85 13.21
CA THR A 133 -2.21 21.18 14.11
C THR A 133 -2.55 19.98 14.99
N TRP A 134 -3.26 20.25 16.08
CA TRP A 134 -3.60 19.24 17.08
C TRP A 134 -5.12 19.07 17.15
N THR A 135 -5.55 17.84 17.40
CA THR A 135 -6.95 17.53 17.69
C THR A 135 -7.06 17.14 19.15
N ALA A 136 -7.77 17.97 19.92
CA ALA A 136 -7.97 17.73 21.35
C ALA A 136 -9.34 17.12 21.59
N ALA A 137 -9.39 16.10 22.44
CA ALA A 137 -10.62 15.33 22.65
C ALA A 137 -11.53 15.91 23.73
N ASP A 138 -11.00 16.73 24.63
CA ASP A 138 -11.83 17.30 25.70
C ASP A 138 -11.19 18.60 26.19
N MET A 139 -11.80 19.17 27.23
CA MET A 139 -11.35 20.47 27.74
C MET A 139 -9.95 20.40 28.34
N ALA A 140 -9.63 19.30 29.01
CA ALA A 140 -8.29 19.16 29.59
C ALA A 140 -7.23 19.10 28.50
N ALA A 141 -7.52 18.40 27.40
CA ALA A 141 -6.60 18.36 26.27
C ALA A 141 -6.44 19.71 25.61
N LEU A 142 -7.43 20.60 25.74
CA LEU A 142 -7.32 21.94 25.20
C LEU A 142 -6.19 22.71 25.88
N ILE A 143 -5.98 22.46 27.18
CA ILE A 143 -4.88 23.11 27.89
C ILE A 143 -3.55 22.68 27.32
N THR A 144 -3.39 21.38 27.08
CA THR A 144 -2.17 20.87 26.46
C THR A 144 -1.99 21.45 25.05
N LYS A 145 -3.09 21.57 24.31
CA LYS A 145 -3.03 22.07 22.94
C LYS A 145 -2.48 23.49 22.89
N HIS A 146 -3.05 24.39 23.69
CA HIS A 146 -2.57 25.77 23.73
C HIS A 146 -1.12 25.81 24.18
N LYS A 147 -0.77 25.05 25.21
CA LYS A 147 0.60 24.98 25.68
C LYS A 147 1.56 24.54 24.57
N TRP A 148 1.16 23.52 23.81
CA TRP A 148 2.02 23.01 22.75
C TRP A 148 2.02 23.91 21.52
N GLU A 149 0.91 24.60 21.25
CA GLU A 149 0.89 25.57 20.16
C GLU A 149 1.84 26.72 20.43
N GLN A 150 1.84 27.24 21.67
CA GLN A 150 2.72 28.34 22.02
C GLN A 150 4.19 27.96 21.86
N ALA A 151 4.55 26.75 22.27
CA ALA A 151 5.94 26.31 22.25
C ALA A 151 6.36 25.72 20.91
N GLY A 152 5.45 25.64 19.94
CA GLY A 152 5.79 25.03 18.66
C GLY A 152 6.14 23.56 18.77
N GLU A 153 5.34 22.81 19.52
CA GLU A 153 5.62 21.38 19.69
C GLU A 153 5.38 20.61 18.41
N ALA A 154 4.30 20.92 17.70
CA ALA A 154 4.04 20.30 16.39
C ALA A 154 5.23 20.50 15.46
N GLU A 155 5.89 21.65 15.59
CA GLU A 155 7.09 21.92 14.81
C GLU A 155 8.19 20.93 15.20
N ARG A 156 8.31 20.65 16.49
CA ARG A 156 9.33 19.72 16.98
C ARG A 156 9.09 18.30 16.53
N LEU A 157 7.83 17.86 16.40
CA LEU A 157 7.68 16.49 15.93
C LEU A 157 7.79 16.34 14.43
N ARG A 158 7.36 17.34 13.65
CA ARG A 158 7.54 17.23 12.21
C ARG A 158 9.01 16.99 11.86
N ALA A 159 9.92 17.66 12.58
CA ALA A 159 11.34 17.43 12.37
C ALA A 159 11.75 16.02 12.77
N TYR A 160 11.22 15.52 13.89
CA TYR A 160 11.55 14.17 14.32
C TYR A 160 10.96 13.13 13.38
N LEU A 161 9.69 13.30 13.01
CA LEU A 161 9.01 12.31 12.19
C LEU A 161 9.61 12.23 10.79
N GLU A 162 9.92 13.39 10.20
CA GLU A 162 10.48 13.41 8.85
C GLU A 162 11.96 13.04 8.86
N GLY A 163 12.71 13.55 9.83
CA GLY A 163 14.14 13.31 9.89
C GLY A 163 14.55 12.14 10.76
N THR A 164 14.46 12.32 12.07
CA THR A 164 15.04 11.35 13.00
C THR A 164 14.37 9.99 12.89
N CYS A 165 13.03 9.96 12.81
CA CYS A 165 12.31 8.69 12.78
C CYS A 165 12.70 7.86 11.56
N VAL A 166 12.72 8.49 10.38
CA VAL A 166 13.02 7.78 9.14
C VAL A 166 14.45 7.24 9.15
N GLU A 167 15.39 8.06 9.65
CA GLU A 167 16.80 7.68 9.63
C GLU A 167 17.05 6.48 10.55
N TRP A 168 16.40 6.46 11.70
CA TRP A 168 16.50 5.32 12.60
C TRP A 168 15.81 4.09 12.01
N LEU A 169 14.66 4.31 11.37
CA LEU A 169 13.93 3.20 10.77
C LEU A 169 14.77 2.50 9.70
N ARG A 170 15.40 3.30 8.84
CA ARG A 170 16.31 2.71 7.81
C ARG A 170 17.49 2.05 8.52
N ARG A 171 18.01 2.66 9.58
CA ARG A 171 19.16 2.04 10.28
C ARG A 171 18.73 0.69 10.85
N TYR A 172 17.55 0.62 11.48
CA TYR A 172 17.04 -0.65 12.05
C TYR A 172 16.75 -1.62 10.90
N LEU A 173 16.21 -1.12 9.80
CA LEU A 173 15.84 -1.97 8.64
C LEU A 173 17.08 -2.66 8.07
N LYS A 174 18.24 -2.00 8.03
CA LYS A 174 19.45 -2.64 7.45
C LYS A 174 19.76 -3.93 8.22
N ASN A 175 19.67 -3.90 9.54
CA ASN A 175 19.85 -5.07 10.45
C ASN A 175 18.69 -6.08 10.38
N GLY A 176 17.44 -5.62 10.27
CA GLY A 176 16.31 -6.57 10.32
C GLY A 176 15.34 -6.62 9.15
N ASN A 177 15.63 -5.98 8.01
CA ASN A 177 14.71 -5.95 6.83
C ASN A 177 14.30 -7.35 6.39
N ALA A 178 15.26 -8.26 6.20
CA ALA A 178 14.93 -9.59 5.72
C ALA A 178 14.17 -10.40 6.76
N THR A 179 14.39 -10.11 8.05
CA THR A 179 13.67 -10.84 9.10
C THR A 179 12.20 -10.45 9.14
N LEU A 180 11.90 -9.17 8.94
CA LEU A 180 10.52 -8.70 9.00
C LEU A 180 9.68 -9.24 7.86
N LEU A 181 10.30 -9.61 6.74
CA LEU A 181 9.58 -10.11 5.57
C LEU A 181 9.29 -11.60 5.64
N ARG A 182 9.92 -12.33 6.56
CA ARG A 182 9.57 -13.72 6.82
C ARG A 182 8.07 -13.97 6.97
N THR A 183 7.59 -14.99 6.26
CA THR A 183 6.21 -15.44 6.34
C THR A 183 6.16 -16.95 6.51
N ASP A 184 5.13 -17.40 7.21
CA ASP A 184 4.82 -18.82 7.37
C ASP A 184 3.40 -19.05 6.85
N SER A 185 3.26 -19.96 5.89
CA SER A 185 1.95 -20.20 5.30
C SER A 185 1.05 -20.99 6.24
N PRO A 186 -0.26 -20.78 6.19
CA PRO A 186 -1.16 -21.56 7.04
C PRO A 186 -1.28 -23.00 6.55
N LYS A 187 -1.34 -23.91 7.51
CA LYS A 187 -1.77 -25.28 7.28
C LYS A 187 -3.23 -25.40 7.72
N ALA A 188 -4.07 -25.93 6.83
CA ALA A 188 -5.50 -25.85 7.00
C ALA A 188 -6.15 -27.23 6.89
N HIS A 189 -7.26 -27.40 7.60
CA HIS A 189 -8.05 -28.63 7.56
C HIS A 189 -9.44 -28.32 8.10
N VAL A 190 -10.38 -29.20 7.78
CA VAL A 190 -11.79 -29.05 8.15
C VAL A 190 -12.15 -30.16 9.14
N THR A 191 -12.85 -29.80 10.20
CA THR A 191 -13.36 -30.75 11.18
C THR A 191 -14.89 -30.77 11.16
N HIS A 192 -15.44 -31.85 11.70
CA HIS A 192 -16.86 -32.15 11.62
C HIS A 192 -17.41 -32.33 13.03
N HIS A 193 -18.42 -31.56 13.38
CA HIS A 193 -19.02 -31.60 14.74
C HIS A 193 -20.54 -31.70 14.66
N SER A 194 -21.13 -32.35 15.67
CA SER A 194 -22.58 -32.57 15.82
C SER A 194 -23.34 -31.28 16.08
N ARG A 195 -24.57 -31.24 15.58
CA ARG A 195 -25.52 -30.15 15.91
C ARG A 195 -26.88 -30.78 16.15
N PRO A 196 -27.82 -30.08 16.82
CA PRO A 196 -29.10 -30.69 17.10
C PRO A 196 -29.84 -31.17 15.85
N GLU A 197 -30.44 -32.34 16.00
CA GLU A 197 -31.23 -32.93 14.90
C GLU A 197 -30.37 -33.08 13.64
N ASP A 198 -30.90 -32.57 12.54
CA ASP A 198 -30.32 -32.75 11.18
C ASP A 198 -29.33 -31.65 10.76
N LYS A 199 -28.59 -31.05 11.70
CA LYS A 199 -27.56 -30.06 11.39
C LYS A 199 -26.20 -30.57 11.86
N VAL A 200 -25.15 -30.15 11.15
CA VAL A 200 -23.78 -30.41 11.57
C VAL A 200 -22.99 -29.12 11.41
N THR A 201 -21.87 -29.05 12.12
CA THR A 201 -20.97 -27.91 12.08
C THR A 201 -19.69 -28.29 11.34
N LEU A 202 -19.31 -27.46 10.38
CA LEU A 202 -18.06 -27.61 9.64
C LEU A 202 -17.12 -26.50 10.07
N ARG A 203 -15.99 -26.86 10.67
CA ARG A 203 -15.02 -25.89 11.18
C ARG A 203 -13.76 -25.94 10.34
N CYS A 204 -13.37 -24.79 9.80
CA CYS A 204 -12.19 -24.67 8.95
C CYS A 204 -11.07 -24.03 9.76
N TRP A 205 -9.96 -24.74 9.91
CA TRP A 205 -8.84 -24.30 10.73
C TRP A 205 -7.72 -23.75 9.86
N ALA A 206 -7.03 -22.74 10.37
CA ALA A 206 -5.79 -22.23 9.79
C ALA A 206 -4.76 -22.14 10.90
N LEU A 207 -3.67 -22.89 10.78
CA LEU A 207 -2.73 -23.07 11.88
C LEU A 207 -1.31 -22.74 11.44
N GLY A 208 -0.54 -22.20 12.38
CA GLY A 208 0.89 -22.02 12.18
C GLY A 208 1.28 -21.03 11.11
N PHE A 209 0.55 -19.92 10.99
CA PHE A 209 0.86 -18.93 9.98
C PHE A 209 1.42 -17.66 10.62
N TYR A 210 2.24 -16.95 9.85
CA TYR A 210 2.79 -15.65 10.20
C TYR A 210 2.95 -14.89 8.90
N PRO A 211 2.59 -13.59 8.85
CA PRO A 211 2.04 -12.82 9.96
C PRO A 211 0.57 -13.09 10.24
N ALA A 212 -0.02 -12.28 11.13
CA ALA A 212 -1.33 -12.62 11.67
C ALA A 212 -2.47 -12.40 10.67
N ASP A 213 -2.29 -11.47 9.73
CA ASP A 213 -3.36 -11.18 8.77
C ASP A 213 -3.72 -12.42 7.96
N ILE A 214 -5.01 -12.74 7.92
CA ILE A 214 -5.51 -13.90 7.20
C ILE A 214 -7.00 -13.70 7.01
N THR A 215 -7.57 -14.40 6.02
CA THR A 215 -9.00 -14.36 5.77
C THR A 215 -9.50 -15.78 5.54
N LEU A 216 -10.58 -16.14 6.24
CA LEU A 216 -11.22 -17.44 6.11
C LEU A 216 -12.65 -17.23 5.65
N THR A 217 -13.07 -17.96 4.62
CA THR A 217 -14.43 -17.83 4.09
C THR A 217 -15.02 -19.21 3.86
N TRP A 218 -16.34 -19.28 3.94
CA TRP A 218 -17.10 -20.48 3.62
C TRP A 218 -17.99 -20.16 2.42
N GLN A 219 -18.02 -21.05 1.43
CA GLN A 219 -18.80 -20.84 0.23
C GLN A 219 -19.77 -22.00 0.02
N LEU A 220 -21.02 -21.65 -0.25
CA LEU A 220 -22.01 -22.62 -0.75
C LEU A 220 -22.06 -22.32 -2.24
N ASN A 221 -21.66 -23.28 -3.08
CA ASN A 221 -21.46 -23.08 -4.55
C ASN A 221 -20.33 -22.03 -4.65
N GLY A 222 -20.63 -20.88 -5.22
CA GLY A 222 -19.61 -19.83 -5.29
C GLY A 222 -20.02 -18.63 -4.46
N GLU A 223 -21.10 -18.76 -3.70
CA GLU A 223 -21.57 -17.64 -2.87
C GLU A 223 -20.91 -17.66 -1.48
N GLU A 224 -20.34 -16.54 -1.05
CA GLU A 224 -19.69 -16.43 0.28
C GLU A 224 -20.77 -16.41 1.36
N LEU A 225 -20.55 -17.13 2.46
CA LEU A 225 -21.56 -17.16 3.53
C LEU A 225 -21.08 -16.24 4.64
N ILE A 226 -21.17 -14.93 4.43
CA ILE A 226 -20.70 -13.99 5.44
C ILE A 226 -21.70 -13.86 6.58
N GLN A 227 -22.99 -13.82 6.27
CA GLN A 227 -23.99 -13.57 7.30
C GLN A 227 -24.14 -14.73 8.27
N ASP A 228 -23.75 -15.95 7.88
CA ASP A 228 -24.12 -17.14 8.63
C ASP A 228 -22.96 -17.84 9.32
N MET A 229 -21.72 -17.47 9.06
CA MET A 229 -20.63 -18.23 9.66
C MET A 229 -20.28 -17.69 11.04
N GLU A 230 -19.52 -18.48 11.79
CA GLU A 230 -19.00 -18.03 13.10
C GLU A 230 -17.48 -18.04 13.02
N LEU A 231 -16.82 -16.99 13.51
CA LEU A 231 -15.34 -17.04 13.46
C LEU A 231 -14.76 -16.40 14.71
N VAL A 232 -13.56 -16.84 15.06
CA VAL A 232 -12.89 -16.29 16.27
C VAL A 232 -11.85 -15.28 15.81
N GLU A 233 -11.49 -14.36 16.70
CA GLU A 233 -10.40 -13.41 16.39
C GLU A 233 -9.09 -14.19 16.26
N THR A 234 -8.22 -13.78 15.36
CA THR A 234 -6.89 -14.42 15.20
C THR A 234 -6.16 -14.43 16.55
N ARG A 235 -5.55 -15.55 16.91
CA ARG A 235 -4.96 -15.71 18.21
C ARG A 235 -3.55 -16.30 18.10
N PRO A 236 -2.65 -15.94 19.01
CA PRO A 236 -1.28 -16.47 18.95
C PRO A 236 -1.21 -17.89 19.47
N ALA A 237 -0.44 -18.72 18.76
CA ALA A 237 -0.16 -20.07 19.25
C ALA A 237 0.79 -20.07 20.43
N GLY A 238 1.55 -18.99 20.62
CA GLY A 238 2.54 -18.91 21.66
C GLY A 238 3.95 -19.19 21.19
N ASP A 239 4.11 -19.73 19.98
CA ASP A 239 5.42 -20.02 19.41
C ASP A 239 5.78 -19.07 18.28
N GLY A 240 5.10 -17.93 18.19
CA GLY A 240 5.35 -16.94 17.17
C GLY A 240 4.37 -16.97 16.00
N THR A 241 3.65 -18.08 15.82
CA THR A 241 2.65 -18.19 14.77
C THR A 241 1.26 -17.94 15.34
N PHE A 242 0.25 -18.02 14.48
CA PHE A 242 -1.10 -17.64 14.82
C PHE A 242 -2.10 -18.71 14.38
N GLN A 243 -3.33 -18.60 14.90
CA GLN A 243 -4.40 -19.53 14.60
C GLN A 243 -5.68 -18.76 14.34
N LYS A 244 -6.57 -19.37 13.57
CA LYS A 244 -7.92 -18.86 13.36
C LYS A 244 -8.78 -19.99 12.83
N TRP A 245 -10.09 -19.90 13.10
CA TRP A 245 -11.03 -20.83 12.50
C TRP A 245 -12.34 -20.12 12.18
N ALA A 246 -13.05 -20.71 11.22
CA ALA A 246 -14.38 -20.27 10.83
C ALA A 246 -15.26 -21.49 10.68
N SER A 247 -16.54 -21.36 11.04
CA SER A 247 -17.44 -22.50 11.03
C SER A 247 -18.81 -22.09 10.50
N VAL A 248 -19.49 -23.04 9.87
CA VAL A 248 -20.85 -22.88 9.39
C VAL A 248 -21.66 -24.10 9.82
N VAL A 249 -22.95 -23.87 10.08
CA VAL A 249 -23.88 -24.95 10.38
C VAL A 249 -24.59 -25.32 9.08
N VAL A 250 -24.49 -26.60 8.71
CA VAL A 250 -25.00 -27.04 7.41
C VAL A 250 -25.94 -28.21 7.64
N PRO A 251 -26.83 -28.49 6.69
CA PRO A 251 -27.70 -29.66 6.83
C PRO A 251 -26.90 -30.95 6.80
N LEU A 252 -27.40 -31.95 7.53
CA LEU A 252 -26.77 -33.26 7.55
C LEU A 252 -26.90 -33.92 6.18
N GLY A 253 -25.77 -34.39 5.64
CA GLY A 253 -25.73 -34.94 4.32
C GLY A 253 -25.35 -33.97 3.22
N LYS A 254 -25.33 -32.67 3.51
CA LYS A 254 -24.98 -31.64 2.55
C LYS A 254 -23.58 -31.08 2.76
N GLU A 255 -22.69 -31.85 3.41
CA GLU A 255 -21.38 -31.34 3.76
C GLU A 255 -20.53 -31.06 2.53
N GLN A 256 -20.64 -31.91 1.50
CA GLN A 256 -19.84 -31.75 0.30
C GLN A 256 -20.29 -30.58 -0.57
N TYR A 257 -21.32 -29.83 -0.14
CA TYR A 257 -21.79 -28.66 -0.87
C TYR A 257 -21.10 -27.37 -0.44
N TYR A 258 -20.21 -27.44 0.54
CA TYR A 258 -19.57 -26.24 1.09
C TYR A 258 -18.06 -26.31 0.91
N THR A 259 -17.47 -25.14 0.65
N THR A 259 -17.47 -25.13 0.73
CA THR A 259 -16.03 -25.00 0.43
CA THR A 259 -16.05 -25.00 0.44
C THR A 259 -15.49 -23.93 1.36
C THR A 259 -15.46 -23.91 1.33
N CYS A 260 -14.31 -24.20 1.93
CA CYS A 260 -13.60 -23.23 2.74
C CYS A 260 -12.42 -22.67 1.96
N HIS A 261 -12.17 -21.36 2.12
CA HIS A 261 -11.09 -20.69 1.41
C HIS A 261 -10.21 -19.97 2.40
N VAL A 262 -8.90 -20.14 2.26
CA VAL A 262 -7.90 -19.54 3.14
C VAL A 262 -7.06 -18.57 2.32
N TYR A 263 -7.06 -17.30 2.71
CA TYR A 263 -6.28 -16.27 2.04
C TYR A 263 -5.19 -15.79 2.98
N HIS A 264 -3.93 -15.98 2.57
CA HIS A 264 -2.78 -15.54 3.36
C HIS A 264 -1.66 -15.15 2.41
N GLN A 265 -0.88 -14.15 2.83
CA GLN A 265 0.20 -13.64 1.98
C GLN A 265 1.32 -14.64 1.76
N GLY A 266 1.41 -15.68 2.59
CA GLY A 266 2.42 -16.70 2.37
C GLY A 266 2.06 -17.75 1.33
N LEU A 267 0.80 -17.83 0.93
CA LEU A 267 0.32 -18.88 0.03
C LEU A 267 0.57 -18.50 -1.43
N PRO A 268 0.98 -19.46 -2.26
CA PRO A 268 1.04 -19.19 -3.70
C PRO A 268 -0.30 -18.77 -4.26
N GLU A 269 -1.36 -19.45 -3.86
CA GLU A 269 -2.73 -19.10 -4.20
C GLU A 269 -3.62 -19.51 -3.04
N PRO A 270 -4.82 -18.94 -2.92
CA PRO A 270 -5.69 -19.28 -1.79
C PRO A 270 -5.98 -20.76 -1.72
N LEU A 271 -6.06 -21.28 -0.50
CA LEU A 271 -6.37 -22.68 -0.26
C LEU A 271 -7.87 -22.92 -0.42
N THR A 272 -8.21 -24.11 -0.90
CA THR A 272 -9.60 -24.53 -1.07
C THR A 272 -9.77 -25.88 -0.39
N LEU A 273 -10.69 -25.95 0.56
CA LEU A 273 -10.87 -27.14 1.39
C LEU A 273 -12.33 -27.56 1.45
N ARG A 274 -12.54 -28.85 1.63
CA ARG A 274 -13.85 -29.43 1.84
C ARG A 274 -13.76 -30.46 2.95
N TRP A 275 -14.90 -30.76 3.58
CA TRP A 275 -14.92 -31.80 4.59
C TRP A 275 -14.53 -33.14 3.96
N GLU A 276 -13.55 -33.82 4.56
CA GLU A 276 -12.99 -35.03 3.98
C GLU A 276 -13.03 -36.16 5.01
N PRO A 277 -14.05 -37.03 4.95
CA PRO A 277 -14.13 -38.15 5.89
C PRO A 277 -13.14 -39.24 5.55
N PRO A 278 -12.77 -40.09 6.51
CA PRO A 278 -11.70 -41.08 6.31
C PRO A 278 -12.13 -42.22 5.41
N PRO A 279 -11.23 -43.15 5.05
CA PRO A 279 -11.54 -44.25 4.12
C PRO A 279 -12.69 -45.16 4.52
N GLN B 3 -14.07 1.93 31.10
CA GLN B 3 -13.60 0.57 31.35
C GLN B 3 -14.07 -0.36 30.23
N LYS B 4 -13.21 -1.31 29.87
CA LYS B 4 -13.50 -2.25 28.81
C LYS B 4 -13.39 -3.68 29.31
N THR B 5 -14.41 -4.48 28.99
CA THR B 5 -14.50 -5.84 29.47
C THR B 5 -13.53 -6.74 28.72
N PRO B 6 -12.78 -7.60 29.40
CA PRO B 6 -11.87 -8.50 28.69
C PRO B 6 -12.62 -9.52 27.85
N GLN B 7 -12.06 -9.85 26.70
CA GLN B 7 -12.52 -10.95 25.87
C GLN B 7 -11.50 -12.08 25.97
N ILE B 8 -11.97 -13.31 26.10
CA ILE B 8 -11.12 -14.44 26.48
C ILE B 8 -11.28 -15.57 25.46
N GLN B 9 -10.15 -16.19 25.13
CA GLN B 9 -10.12 -17.44 24.36
C GLN B 9 -9.24 -18.44 25.09
N VAL B 10 -9.73 -19.67 25.24
CA VAL B 10 -8.97 -20.76 25.84
C VAL B 10 -8.81 -21.85 24.78
N TYR B 11 -7.57 -22.22 24.50
CA TYR B 11 -7.26 -23.10 23.39
C TYR B 11 -5.87 -23.68 23.58
N SER B 12 -5.61 -24.78 22.90
CA SER B 12 -4.29 -25.41 22.95
C SER B 12 -3.40 -24.90 21.83
N ARG B 13 -2.09 -24.89 22.09
CA ARG B 13 -1.13 -24.51 21.06
C ARG B 13 -1.14 -25.50 19.90
N HIS B 14 -1.10 -26.78 20.22
CA HIS B 14 -1.12 -27.87 19.25
C HIS B 14 -2.46 -28.59 19.30
N PRO B 15 -2.84 -29.28 18.23
CA PRO B 15 -4.10 -30.04 18.24
C PRO B 15 -4.14 -31.02 19.38
N PRO B 16 -5.21 -31.03 20.17
CA PRO B 16 -5.22 -31.84 21.40
C PRO B 16 -5.29 -33.33 21.11
N GLU B 17 -4.40 -34.07 21.75
CA GLU B 17 -4.40 -35.53 21.70
C GLU B 17 -4.26 -36.03 23.13
N ASN B 18 -5.20 -36.86 23.58
CA ASN B 18 -5.16 -37.35 24.95
C ASN B 18 -3.87 -38.11 25.21
N GLY B 19 -3.19 -37.74 26.30
CA GLY B 19 -1.93 -38.37 26.66
C GLY B 19 -0.69 -37.72 26.08
N LYS B 20 -0.84 -36.71 25.22
CA LYS B 20 0.30 -36.04 24.61
C LYS B 20 0.50 -34.69 25.25
N PRO B 21 1.70 -34.37 25.74
CA PRO B 21 1.94 -33.06 26.34
C PRO B 21 1.71 -31.93 25.36
N ASN B 22 1.12 -30.84 25.86
CA ASN B 22 0.67 -29.74 25.01
C ASN B 22 0.87 -28.44 25.79
N ILE B 23 0.30 -27.35 25.27
CA ILE B 23 0.29 -26.04 25.91
C ILE B 23 -1.13 -25.52 25.85
N LEU B 24 -1.68 -25.10 27.00
CA LEU B 24 -2.99 -24.49 27.05
C LEU B 24 -2.84 -22.98 27.16
N ASN B 25 -3.55 -22.25 26.31
CA ASN B 25 -3.44 -20.80 26.23
C ASN B 25 -4.71 -20.15 26.74
N CYS B 26 -4.54 -18.99 27.38
CA CYS B 26 -5.64 -18.11 27.76
C CYS B 26 -5.31 -16.73 27.21
N TYR B 27 -5.98 -16.35 26.12
CA TYR B 27 -5.69 -15.11 25.40
C TYR B 27 -6.73 -14.07 25.83
N VAL B 28 -6.28 -13.06 26.56
CA VAL B 28 -7.14 -12.03 27.12
C VAL B 28 -6.87 -10.72 26.40
N THR B 29 -7.91 -10.11 25.83
CA THR B 29 -7.77 -8.93 24.99
C THR B 29 -8.85 -7.92 25.34
N GLN B 30 -8.70 -6.71 24.77
CA GLN B 30 -9.73 -5.68 24.79
C GLN B 30 -10.13 -5.24 26.19
N PHE B 31 -9.19 -5.22 27.13
CA PHE B 31 -9.51 -4.79 28.48
C PHE B 31 -8.76 -3.53 28.85
N HIS B 32 -9.40 -2.70 29.67
CA HIS B 32 -8.90 -1.43 30.18
C HIS B 32 -9.65 -1.15 31.48
N PRO B 33 -8.97 -0.78 32.58
CA PRO B 33 -7.54 -0.53 32.80
C PRO B 33 -6.65 -1.78 32.67
N PRO B 34 -5.33 -1.61 32.61
CA PRO B 34 -4.46 -2.77 32.38
C PRO B 34 -4.34 -3.71 33.57
N HIS B 35 -4.72 -3.30 34.77
CA HIS B 35 -4.66 -4.23 35.89
C HIS B 35 -5.65 -5.36 35.71
N ILE B 36 -5.16 -6.60 35.81
CA ILE B 36 -5.97 -7.78 35.55
C ILE B 36 -5.37 -8.93 36.34
N GLU B 37 -6.22 -9.91 36.67
CA GLU B 37 -5.80 -11.11 37.39
C GLU B 37 -6.33 -12.32 36.65
N ILE B 38 -5.43 -13.23 36.28
CA ILE B 38 -5.74 -14.34 35.40
C ILE B 38 -5.31 -15.64 36.06
N GLN B 39 -6.26 -16.55 36.27
CA GLN B 39 -5.98 -17.88 36.78
C GLN B 39 -6.40 -18.94 35.77
N MET B 40 -5.70 -20.06 35.80
CA MET B 40 -6.05 -21.23 35.00
C MET B 40 -6.40 -22.36 35.95
N LEU B 41 -7.52 -23.02 35.69
CA LEU B 41 -8.08 -24.02 36.60
C LEU B 41 -8.09 -25.38 35.93
N LYS B 42 -7.81 -26.42 36.72
CA LYS B 42 -7.93 -27.81 36.27
C LYS B 42 -8.92 -28.52 37.18
N ASN B 43 -10.06 -28.91 36.62
CA ASN B 43 -11.14 -29.54 37.38
C ASN B 43 -11.56 -28.67 38.56
N GLY B 44 -11.60 -27.36 38.33
CA GLY B 44 -12.02 -26.41 39.32
C GLY B 44 -10.94 -25.91 40.26
N LYS B 45 -9.69 -26.35 40.09
CA LYS B 45 -8.64 -26.06 41.05
C LYS B 45 -7.50 -25.32 40.37
N LYS B 46 -7.06 -24.24 41.02
CA LYS B 46 -6.02 -23.36 40.50
C LYS B 46 -4.79 -24.15 40.06
N ILE B 47 -4.32 -23.87 38.84
CA ILE B 47 -3.05 -24.43 38.39
C ILE B 47 -1.92 -23.55 38.92
N PRO B 48 -0.92 -24.12 39.60
CA PRO B 48 0.09 -23.26 40.25
C PRO B 48 1.06 -22.60 39.28
N LYS B 49 1.55 -23.31 38.27
CA LYS B 49 2.51 -22.73 37.33
C LYS B 49 1.79 -22.26 36.07
N VAL B 50 1.49 -20.97 36.02
CA VAL B 50 0.91 -20.33 34.85
C VAL B 50 1.82 -19.17 34.46
N GLU B 51 2.43 -19.27 33.28
CA GLU B 51 3.35 -18.25 32.81
C GLU B 51 2.60 -17.17 32.03
N MET B 52 3.07 -15.93 32.15
CA MET B 52 2.42 -14.78 31.55
C MET B 52 3.35 -14.11 30.55
N SER B 53 2.79 -13.69 29.43
CA SER B 53 3.53 -12.87 28.48
C SER B 53 3.56 -11.42 28.95
N ASP B 54 4.44 -10.63 28.35
CA ASP B 54 4.45 -9.20 28.61
C ASP B 54 3.16 -8.58 28.07
N MET B 55 2.71 -7.53 28.75
CA MET B 55 1.48 -6.87 28.31
C MET B 55 1.78 -5.90 27.17
N SER B 56 0.83 -5.83 26.24
CA SER B 56 0.90 -4.93 25.09
C SER B 56 -0.45 -4.23 24.98
N PHE B 57 -0.52 -3.19 24.16
CA PHE B 57 -1.80 -2.55 23.95
C PHE B 57 -1.99 -2.24 22.47
N SER B 58 -3.25 -2.11 22.11
CA SER B 58 -3.64 -2.02 20.73
C SER B 58 -3.93 -0.58 20.34
N LYS B 59 -4.56 -0.44 19.19
CA LYS B 59 -4.58 0.78 18.42
C LYS B 59 -5.78 1.61 18.83
N ASP B 60 -6.78 0.92 19.35
CA ASP B 60 -7.91 1.39 20.15
C ASP B 60 -7.59 1.50 21.65
N TRP B 61 -6.32 1.38 22.04
CA TRP B 61 -5.76 1.59 23.37
C TRP B 61 -5.96 0.41 24.32
N SER B 62 -6.73 -0.62 23.96
CA SER B 62 -6.99 -1.71 24.88
C SER B 62 -5.78 -2.63 25.00
N PHE B 63 -5.65 -3.27 26.16
CA PHE B 63 -4.51 -4.12 26.45
C PHE B 63 -4.80 -5.58 26.12
N TYR B 64 -3.73 -6.35 25.99
CA TYR B 64 -3.86 -7.78 25.73
C TYR B 64 -2.62 -8.50 26.25
N ILE B 65 -2.79 -9.79 26.53
CA ILE B 65 -1.77 -10.58 27.23
C ILE B 65 -2.09 -12.05 27.00
N LEU B 66 -1.06 -12.90 27.05
CA LEU B 66 -1.20 -14.33 26.83
C LEU B 66 -0.72 -15.08 28.06
N ALA B 67 -1.60 -15.89 28.64
CA ALA B 67 -1.26 -16.79 29.72
C ALA B 67 -1.24 -18.22 29.20
N HIS B 68 -0.26 -19.00 29.63
CA HIS B 68 -0.13 -20.36 29.13
C HIS B 68 0.44 -21.26 30.22
N THR B 69 0.14 -22.56 30.08
CA THR B 69 0.59 -23.58 31.00
C THR B 69 0.73 -24.90 30.26
N GLU B 70 1.74 -25.67 30.62
CA GLU B 70 1.90 -27.00 30.06
C GLU B 70 0.82 -27.93 30.62
N PHE B 71 0.24 -28.75 29.76
CA PHE B 71 -0.75 -29.70 30.25
C PHE B 71 -0.76 -30.90 29.31
N THR B 72 -1.25 -32.02 29.84
CA THR B 72 -1.47 -33.21 29.03
C THR B 72 -2.97 -33.48 29.02
N PRO B 73 -3.65 -33.20 27.91
CA PRO B 73 -5.11 -33.38 27.90
C PRO B 73 -5.50 -34.84 28.06
N THR B 74 -6.62 -35.06 28.74
CA THR B 74 -7.24 -36.37 28.83
C THR B 74 -8.70 -36.23 28.42
N GLU B 75 -9.38 -37.37 28.34
CA GLU B 75 -10.76 -37.38 27.86
C GLU B 75 -11.69 -36.62 28.80
N THR B 76 -11.44 -36.70 30.11
CA THR B 76 -12.39 -36.21 31.09
C THR B 76 -11.92 -34.99 31.88
N ASP B 77 -10.65 -34.62 31.81
CA ASP B 77 -10.18 -33.45 32.53
C ASP B 77 -10.77 -32.17 31.95
N THR B 78 -11.22 -31.29 32.84
CA THR B 78 -11.82 -30.01 32.47
C THR B 78 -10.85 -28.89 32.81
N TYR B 79 -10.63 -27.99 31.85
CA TYR B 79 -9.78 -26.84 32.06
C TYR B 79 -10.56 -25.55 31.83
N ALA B 80 -10.13 -24.48 32.49
CA ALA B 80 -10.81 -23.20 32.40
C ALA B 80 -9.81 -22.08 32.67
N CYS B 81 -10.23 -20.86 32.32
CA CYS B 81 -9.47 -19.66 32.60
C CYS B 81 -10.38 -18.68 33.31
N ARG B 82 -9.92 -18.14 34.43
CA ARG B 82 -10.71 -17.22 35.25
C ARG B 82 -10.02 -15.87 35.30
N VAL B 83 -10.78 -14.81 35.03
CA VAL B 83 -10.24 -13.46 34.91
C VAL B 83 -10.99 -12.54 35.86
N LYS B 84 -10.23 -11.77 36.64
CA LYS B 84 -10.81 -10.72 37.51
C LYS B 84 -10.39 -9.37 36.92
N HIS B 85 -11.34 -8.50 36.70
CA HIS B 85 -11.04 -7.16 36.13
C HIS B 85 -12.10 -6.19 36.63
N ASP B 86 -11.76 -4.91 36.78
CA ASP B 86 -12.68 -3.89 37.34
C ASP B 86 -13.93 -3.65 36.50
N SER B 87 -13.91 -3.96 35.21
CA SER B 87 -15.06 -3.78 34.30
C SER B 87 -16.25 -4.68 34.68
N MET B 88 -15.99 -5.82 35.30
CA MET B 88 -17.02 -6.82 35.70
C MET B 88 -17.21 -6.90 37.22
N ALA B 89 -18.45 -7.05 37.65
CA ALA B 89 -18.74 -7.25 39.07
C ALA B 89 -18.15 -8.56 39.60
N GLU B 90 -17.87 -9.48 38.70
CA GLU B 90 -17.70 -10.90 38.96
C GLU B 90 -16.46 -11.38 38.23
N PRO B 91 -15.72 -12.34 38.77
CA PRO B 91 -14.74 -13.03 37.94
C PRO B 91 -15.45 -13.80 36.82
N LYS B 92 -14.87 -13.76 35.64
CA LYS B 92 -15.41 -14.47 34.48
C LYS B 92 -14.58 -15.71 34.21
N THR B 93 -15.24 -16.85 34.06
CA THR B 93 -14.60 -18.12 33.80
C THR B 93 -14.99 -18.60 32.40
N VAL B 94 -14.00 -18.97 31.61
CA VAL B 94 -14.20 -19.50 30.27
C VAL B 94 -13.59 -20.90 30.21
N TYR B 95 -14.37 -21.87 29.77
CA TYR B 95 -13.95 -23.27 29.79
C TYR B 95 -13.36 -23.68 28.45
N TRP B 96 -12.34 -24.53 28.51
CA TRP B 96 -11.66 -25.00 27.32
C TRP B 96 -12.55 -25.96 26.55
N ASP B 97 -12.83 -25.62 25.29
CA ASP B 97 -13.56 -26.48 24.37
C ASP B 97 -12.55 -26.94 23.31
N ARG B 98 -12.24 -28.23 23.32
CA ARG B 98 -11.16 -28.73 22.46
C ARG B 98 -11.53 -28.72 20.98
N ASP B 99 -12.79 -28.44 20.64
CA ASP B 99 -13.19 -28.25 19.26
C ASP B 99 -13.17 -26.78 18.84
N MET B 100 -12.65 -25.90 19.70
CA MET B 100 -12.64 -24.47 19.41
C MET B 100 -11.30 -23.84 19.81
N GLY C 2 3.71 -7.50 -1.78
CA GLY C 2 2.92 -6.32 -2.07
C GLY C 2 1.74 -6.59 -2.97
N PRO C 3 0.96 -5.56 -3.28
CA PRO C 3 -0.20 -5.74 -4.14
C PRO C 3 0.19 -5.77 -5.61
N HIS C 4 -0.71 -6.36 -6.42
CA HIS C 4 -0.52 -6.45 -7.84
C HIS C 4 -1.82 -6.10 -8.55
N SER C 5 -1.72 -5.82 -9.85
CA SER C 5 -2.88 -5.38 -10.62
C SER C 5 -2.81 -5.93 -12.03
N LEU C 6 -3.99 -6.20 -12.59
CA LEU C 6 -4.16 -6.53 -14.01
C LEU C 6 -5.21 -5.57 -14.56
N ARG C 7 -4.80 -4.67 -15.44
CA ARG C 7 -5.70 -3.65 -15.97
C ARG C 7 -5.60 -3.61 -17.49
N TYR C 8 -6.73 -3.32 -18.12
CA TYR C 8 -6.83 -3.25 -19.58
C TYR C 8 -7.34 -1.88 -19.99
N PHE C 9 -6.60 -1.22 -20.88
CA PHE C 9 -6.92 0.11 -21.37
C PHE C 9 -7.42 -0.03 -22.81
N VAL C 10 -8.67 0.36 -23.05
CA VAL C 10 -9.36 0.13 -24.31
C VAL C 10 -9.65 1.47 -24.96
N THR C 11 -9.47 1.55 -26.28
CA THR C 11 -9.69 2.77 -27.04
C THR C 11 -10.44 2.45 -28.33
N ALA C 12 -11.54 3.15 -28.56
CA ALA C 12 -12.33 3.01 -29.78
C ALA C 12 -12.59 4.40 -30.33
N VAL C 13 -12.04 4.70 -31.51
CA VAL C 13 -12.10 6.03 -32.10
C VAL C 13 -12.78 5.91 -33.46
N SER C 14 -13.90 6.59 -33.62
CA SER C 14 -14.55 6.66 -34.93
C SER C 14 -13.83 7.68 -35.81
N ARG C 15 -13.97 7.50 -37.11
CA ARG C 15 -13.38 8.40 -38.10
C ARG C 15 -14.21 8.32 -39.38
N PRO C 16 -15.38 8.97 -39.39
CA PRO C 16 -16.29 8.81 -40.52
C PRO C 16 -15.69 9.30 -41.83
N GLY C 17 -15.91 8.53 -42.88
CA GLY C 17 -15.32 8.80 -44.18
C GLY C 17 -13.89 8.32 -44.34
N LEU C 18 -13.20 8.01 -43.25
CA LEU C 18 -11.81 7.56 -43.30
C LEU C 18 -11.67 6.06 -43.08
N GLY C 19 -12.76 5.33 -42.86
CA GLY C 19 -12.72 3.91 -42.68
C GLY C 19 -13.42 3.51 -41.40
N GLU C 20 -13.14 2.28 -40.96
CA GLU C 20 -13.76 1.74 -39.77
C GLU C 20 -13.14 2.35 -38.52
N PRO C 21 -13.87 2.35 -37.40
CA PRO C 21 -13.27 2.87 -36.16
C PRO C 21 -12.05 2.06 -35.76
N ARG C 22 -11.03 2.76 -35.27
CA ARG C 22 -9.85 2.09 -34.77
C ARG C 22 -10.11 1.58 -33.36
N TYR C 23 -9.65 0.37 -33.09
CA TYR C 23 -9.91 -0.29 -31.81
C TYR C 23 -8.61 -0.86 -31.27
N MET C 24 -8.31 -0.57 -30.01
CA MET C 24 -7.15 -1.14 -29.35
C MET C 24 -7.50 -1.68 -27.98
N GLU C 25 -6.85 -2.78 -27.63
CA GLU C 25 -6.87 -3.36 -26.29
C GLU C 25 -5.43 -3.45 -25.82
N VAL C 26 -5.11 -2.84 -24.69
CA VAL C 26 -3.76 -2.80 -24.17
C VAL C 26 -3.79 -3.29 -22.72
N GLY C 27 -3.00 -4.32 -22.43
CA GLY C 27 -3.00 -4.96 -21.12
C GLY C 27 -1.76 -4.58 -20.32
N TYR C 28 -1.96 -4.36 -19.02
CA TYR C 28 -0.88 -4.01 -18.11
C TYR C 28 -0.88 -4.94 -16.92
N VAL C 29 0.29 -5.44 -16.57
CA VAL C 29 0.48 -6.15 -15.28
C VAL C 29 1.35 -5.23 -14.42
N ASP C 30 0.77 -4.67 -13.35
CA ASP C 30 1.50 -3.77 -12.43
C ASP C 30 2.14 -2.61 -13.20
N ASP C 31 1.37 -1.97 -14.08
CA ASP C 31 1.80 -0.81 -14.91
C ASP C 31 2.78 -1.19 -16.01
N THR C 32 2.98 -2.47 -16.30
CA THR C 32 3.90 -2.90 -17.38
C THR C 32 3.03 -3.46 -18.51
N GLU C 33 3.13 -2.88 -19.70
CA GLU C 33 2.32 -3.37 -20.85
C GLU C 33 2.82 -4.76 -21.21
N PHE C 34 1.92 -5.75 -21.27
CA PHE C 34 2.31 -7.11 -21.61
C PHE C 34 1.56 -7.70 -22.79
N VAL C 35 0.44 -7.11 -23.21
CA VAL C 35 -0.29 -7.53 -24.41
C VAL C 35 -0.88 -6.29 -25.08
N ARG C 36 -1.09 -6.39 -26.39
CA ARG C 36 -1.70 -5.29 -27.15
C ARG C 36 -2.39 -5.84 -28.39
N PHE C 37 -3.55 -5.25 -28.71
CA PHE C 37 -4.30 -5.55 -29.93
C PHE C 37 -4.60 -4.24 -30.63
N ASP C 38 -4.36 -4.22 -31.93
CA ASP C 38 -4.61 -2.99 -32.72
C ASP C 38 -5.34 -3.40 -34.00
N SER C 39 -6.54 -2.87 -34.19
CA SER C 39 -7.34 -3.14 -35.39
C SER C 39 -6.66 -2.63 -36.68
N ASP C 40 -5.88 -1.55 -36.59
CA ASP C 40 -5.19 -0.93 -37.76
C ASP C 40 -3.93 -1.67 -38.17
N ALA C 41 -3.47 -2.66 -37.43
CA ALA C 41 -2.23 -3.36 -37.82
C ALA C 41 -2.43 -4.20 -39.07
N GLU C 42 -1.34 -4.54 -39.74
CA GLU C 42 -1.42 -5.34 -41.00
C GLU C 42 -2.10 -6.66 -40.66
N ASN C 43 -1.67 -7.31 -39.57
CA ASN C 43 -2.33 -8.53 -39.02
C ASN C 43 -2.91 -8.13 -37.65
N PRO C 44 -4.23 -7.90 -37.51
CA PRO C 44 -4.81 -7.49 -36.24
C PRO C 44 -5.14 -8.74 -35.40
N ARG C 45 -4.33 -8.91 -34.39
CA ARG C 45 -4.45 -10.02 -33.43
C ARG C 45 -3.68 -9.63 -32.17
N TYR C 46 -3.91 -10.36 -31.09
CA TYR C 46 -3.17 -10.08 -29.85
C TYR C 46 -1.70 -10.39 -30.05
N GLU C 47 -0.87 -9.56 -29.43
CA GLU C 47 0.58 -9.73 -29.53
C GLU C 47 1.20 -9.57 -28.15
N PRO C 48 2.23 -10.37 -27.82
CA PRO C 48 2.90 -10.24 -26.55
C PRO C 48 3.72 -8.94 -26.58
N ARG C 49 3.74 -8.22 -25.47
CA ARG C 49 4.53 -6.97 -25.38
C ARG C 49 5.64 -7.16 -24.34
N ALA C 50 5.80 -8.38 -23.86
CA ALA C 50 6.88 -8.74 -22.94
C ALA C 50 7.33 -10.14 -23.29
N ARG C 51 8.64 -10.40 -23.16
CA ARG C 51 9.17 -11.68 -23.60
C ARG C 51 8.61 -12.84 -22.77
N TRP C 52 8.22 -12.58 -21.52
CA TRP C 52 7.66 -13.63 -20.67
C TRP C 52 6.24 -14.01 -21.05
N MET C 53 5.57 -13.24 -21.91
CA MET C 53 4.26 -13.65 -22.42
C MET C 53 4.35 -14.60 -23.60
N GLU C 54 5.51 -14.69 -24.26
CA GLU C 54 5.65 -15.54 -25.45
C GLU C 54 5.43 -17.01 -25.15
N GLN C 55 5.50 -17.40 -23.89
CA GLN C 55 5.44 -18.80 -23.51
C GLN C 55 4.01 -19.33 -23.42
N GLU C 56 3.03 -18.44 -23.51
CA GLU C 56 1.63 -18.83 -23.70
C GLU C 56 1.45 -19.49 -25.07
N GLY C 57 0.58 -20.50 -25.12
CA GLY C 57 0.41 -21.29 -26.32
C GLY C 57 -0.54 -20.68 -27.33
N PRO C 58 -0.71 -21.36 -28.47
CA PRO C 58 -1.56 -20.82 -29.55
C PRO C 58 -3.02 -20.69 -29.16
N GLU C 59 -3.54 -21.58 -28.31
CA GLU C 59 -4.94 -21.50 -27.93
C GLU C 59 -5.22 -20.26 -27.10
N TYR C 60 -4.24 -19.77 -26.34
CA TYR C 60 -4.41 -18.51 -25.62
C TYR C 60 -4.51 -17.34 -26.59
N TRP C 61 -3.56 -17.25 -27.52
CA TRP C 61 -3.55 -16.11 -28.44
C TRP C 61 -4.76 -16.11 -29.36
N GLU C 62 -5.19 -17.29 -29.80
CA GLU C 62 -6.37 -17.36 -30.65
C GLU C 62 -7.63 -16.91 -29.91
N ARG C 63 -7.78 -17.34 -28.65
N ARG C 63 -7.78 -17.34 -28.65
CA ARG C 63 -8.94 -16.96 -27.87
CA ARG C 63 -8.95 -16.94 -27.88
C ARG C 63 -8.97 -15.45 -27.63
C ARG C 63 -8.97 -15.44 -27.62
N GLU C 64 -7.82 -14.86 -27.29
CA GLU C 64 -7.76 -13.43 -27.02
C GLU C 64 -8.02 -12.61 -28.27
N THR C 65 -7.49 -13.06 -29.41
CA THR C 65 -7.70 -12.35 -30.68
C THR C 65 -9.17 -12.33 -31.05
N GLN C 66 -9.82 -13.50 -31.00
CA GLN C 66 -11.22 -13.56 -31.41
C GLN C 66 -12.12 -12.82 -30.44
N LYS C 67 -11.78 -12.80 -29.15
CA LYS C 67 -12.51 -11.97 -28.20
C LYS C 67 -12.32 -10.50 -28.49
N ALA C 68 -11.10 -10.10 -28.85
CA ALA C 68 -10.84 -8.70 -29.16
C ALA C 68 -11.59 -8.25 -30.40
N LYS C 69 -11.65 -9.10 -31.42
CA LYS C 69 -12.40 -8.77 -32.63
C LYS C 69 -13.89 -8.69 -32.34
N GLY C 70 -14.39 -9.53 -31.43
CA GLY C 70 -15.77 -9.40 -30.99
C GLY C 70 -15.99 -8.14 -30.17
N ASN C 71 -15.04 -7.81 -29.30
CA ASN C 71 -15.12 -6.55 -28.55
C ASN C 71 -15.09 -5.36 -29.49
N GLU C 72 -14.22 -5.39 -30.51
CA GLU C 72 -14.12 -4.27 -31.44
C GLU C 72 -15.46 -3.99 -32.10
N GLN C 73 -16.12 -5.04 -32.60
CA GLN C 73 -17.40 -4.85 -33.26
C GLN C 73 -18.47 -4.37 -32.30
N SER C 74 -18.39 -4.78 -31.04
CA SER C 74 -19.33 -4.29 -30.04
C SER C 74 -19.18 -2.79 -29.83
N PHE C 75 -17.93 -2.30 -29.82
CA PHE C 75 -17.70 -0.87 -29.64
C PHE C 75 -18.06 -0.08 -30.90
N ARG C 76 -17.99 -0.71 -32.08
CA ARG C 76 -18.49 -0.05 -33.28
C ARG C 76 -19.97 0.27 -33.15
N VAL C 77 -20.74 -0.68 -32.62
CA VAL C 77 -22.15 -0.44 -32.37
C VAL C 77 -22.32 0.62 -31.28
N ASP C 78 -21.45 0.58 -30.26
CA ASP C 78 -21.57 1.52 -29.16
C ASP C 78 -21.35 2.96 -29.62
N LEU C 79 -20.41 3.16 -30.55
CA LEU C 79 -20.16 4.51 -31.06
C LEU C 79 -21.39 5.08 -31.75
N ARG C 80 -22.09 4.25 -32.54
CA ARG C 80 -23.37 4.67 -33.11
C ARG C 80 -24.38 5.00 -32.02
N THR C 81 -24.48 4.13 -31.02
CA THR C 81 -25.49 4.29 -29.98
C THR C 81 -25.32 5.62 -29.25
N LEU C 82 -24.07 6.00 -28.96
CA LEU C 82 -23.84 7.25 -28.23
C LEU C 82 -24.12 8.47 -29.09
N LEU C 83 -23.95 8.35 -30.41
CA LEU C 83 -24.42 9.41 -31.31
C LEU C 83 -25.89 9.70 -31.09
N GLY C 84 -26.69 8.65 -30.91
CA GLY C 84 -28.10 8.85 -30.62
C GLY C 84 -28.35 9.40 -29.23
N TYR C 85 -27.57 8.93 -28.25
CA TYR C 85 -27.71 9.42 -26.88
C TYR C 85 -27.52 10.92 -26.81
N TYR C 86 -26.44 11.42 -27.43
CA TYR C 86 -26.07 12.83 -27.35
C TYR C 86 -26.64 13.65 -28.49
N ASN C 87 -27.34 13.03 -29.43
CA ASN C 87 -27.91 13.71 -30.59
C ASN C 87 -26.81 14.45 -31.36
N GLN C 88 -25.81 13.67 -31.78
CA GLN C 88 -24.65 14.18 -32.48
C GLN C 88 -24.69 13.72 -33.94
N SER C 89 -23.98 14.46 -34.79
CA SER C 89 -24.00 14.12 -36.21
C SER C 89 -23.06 12.95 -36.48
N LYS C 90 -23.22 12.35 -37.65
CA LYS C 90 -22.45 11.20 -38.05
C LYS C 90 -21.11 11.56 -38.69
N GLY C 91 -20.79 12.84 -38.80
CA GLY C 91 -19.58 13.25 -39.49
C GLY C 91 -18.42 13.55 -38.57
N GLY C 92 -18.68 13.54 -37.27
CA GLY C 92 -17.64 13.82 -36.30
C GLY C 92 -16.97 12.57 -35.77
N SER C 93 -15.72 12.73 -35.35
CA SER C 93 -14.96 11.65 -34.74
C SER C 93 -15.17 11.67 -33.23
N HIS C 94 -15.37 10.48 -32.65
CA HIS C 94 -15.63 10.37 -31.22
C HIS C 94 -14.84 9.20 -30.65
N THR C 95 -14.54 9.29 -29.36
CA THR C 95 -13.69 8.32 -28.68
C THR C 95 -14.43 7.70 -27.50
N ILE C 96 -14.32 6.39 -27.38
CA ILE C 96 -14.76 5.65 -26.20
C ILE C 96 -13.54 5.01 -25.56
N GLN C 97 -13.38 5.21 -24.25
CA GLN C 97 -12.23 4.69 -23.51
C GLN C 97 -12.72 3.90 -22.31
N VAL C 98 -12.03 2.79 -22.02
CA VAL C 98 -12.34 1.93 -20.89
C VAL C 98 -11.06 1.60 -20.14
N ILE C 99 -11.12 1.68 -18.81
CA ILE C 99 -10.14 1.05 -17.94
C ILE C 99 -10.86 -0.05 -17.17
N SER C 100 -10.35 -1.27 -17.29
CA SER C 100 -11.01 -2.43 -16.71
C SER C 100 -9.96 -3.37 -16.14
N GLY C 101 -10.11 -3.73 -14.88
CA GLY C 101 -9.17 -4.64 -14.27
C GLY C 101 -9.35 -4.72 -12.77
N CYS C 102 -8.37 -5.36 -12.14
CA CYS C 102 -8.46 -5.74 -10.73
C CYS C 102 -7.14 -5.49 -10.04
N GLU C 103 -7.19 -4.88 -8.86
CA GLU C 103 -6.04 -4.78 -7.97
C GLU C 103 -6.18 -5.82 -6.86
N VAL C 104 -5.17 -6.66 -6.71
CA VAL C 104 -5.21 -7.81 -5.81
C VAL C 104 -4.09 -7.70 -4.80
N GLY C 105 -4.41 -7.88 -3.53
CA GLY C 105 -3.43 -7.83 -2.47
C GLY C 105 -2.56 -9.08 -2.42
N SER C 106 -1.60 -9.06 -1.49
CA SER C 106 -0.68 -10.18 -1.36
C SER C 106 -1.39 -11.45 -0.92
N ASP C 107 -2.48 -11.33 -0.17
CA ASP C 107 -3.24 -12.49 0.26
C ASP C 107 -4.12 -13.06 -0.85
N GLY C 108 -4.22 -12.40 -1.99
CA GLY C 108 -5.05 -12.87 -3.07
C GLY C 108 -6.47 -12.37 -3.07
N ARG C 109 -6.92 -11.63 -2.05
CA ARG C 109 -8.24 -11.03 -2.14
C ARG C 109 -8.19 -9.86 -3.10
N LEU C 110 -9.35 -9.57 -3.69
CA LEU C 110 -9.51 -8.35 -4.46
C LEU C 110 -9.44 -7.13 -3.55
N LEU C 111 -8.60 -6.17 -3.92
CA LEU C 111 -8.51 -4.89 -3.21
C LEU C 111 -9.45 -3.86 -3.81
N ARG C 112 -9.45 -3.74 -5.14
CA ARG C 112 -10.35 -2.86 -5.85
C ARG C 112 -10.54 -3.39 -7.26
N GLY C 113 -11.74 -3.18 -7.80
CA GLY C 113 -12.04 -3.54 -9.17
C GLY C 113 -12.40 -2.30 -9.98
N TYR C 114 -12.02 -2.31 -11.25
CA TYR C 114 -12.22 -1.17 -12.13
C TYR C 114 -13.06 -1.56 -13.33
N GLN C 115 -14.10 -0.75 -13.58
CA GLN C 115 -14.84 -0.78 -14.84
C GLN C 115 -15.29 0.67 -15.10
N GLN C 116 -14.41 1.43 -15.75
CA GLN C 116 -14.57 2.87 -15.92
C GLN C 116 -14.66 3.19 -17.40
N TYR C 117 -15.67 3.99 -17.77
CA TYR C 117 -15.88 4.39 -19.15
C TYR C 117 -15.73 5.89 -19.31
N ALA C 118 -15.33 6.31 -20.51
CA ALA C 118 -15.24 7.71 -20.87
C ALA C 118 -15.68 7.90 -22.31
N TYR C 119 -16.31 9.04 -22.58
CA TYR C 119 -16.71 9.43 -23.93
C TYR C 119 -16.13 10.80 -24.24
N ASP C 120 -15.28 10.89 -25.25
CA ASP C 120 -14.69 12.19 -25.65
C ASP C 120 -13.82 12.76 -24.52
N GLY C 121 -13.14 11.90 -23.80
CA GLY C 121 -12.20 12.32 -22.75
C GLY C 121 -12.84 12.70 -21.44
N CYS C 122 -14.14 12.50 -21.32
CA CYS C 122 -14.87 12.84 -20.07
C CYS C 122 -15.53 11.60 -19.47
N ASP C 123 -15.54 11.48 -18.14
CA ASP C 123 -16.20 10.36 -17.44
C ASP C 123 -17.61 10.11 -18.00
N TYR C 124 -17.93 8.86 -18.26
CA TYR C 124 -19.28 8.47 -18.72
C TYR C 124 -19.96 7.64 -17.63
N ILE C 125 -19.46 6.42 -17.38
CA ILE C 125 -20.05 5.57 -16.35
C ILE C 125 -18.91 4.79 -15.68
N ALA C 126 -19.15 4.41 -14.44
CA ALA C 126 -18.14 3.69 -13.67
C ALA C 126 -18.81 2.78 -12.65
N LEU C 127 -18.24 1.60 -12.45
CA LEU C 127 -18.68 0.69 -11.41
C LEU C 127 -18.15 1.18 -10.06
N ASN C 128 -19.05 1.30 -9.08
CA ASN C 128 -18.63 1.82 -7.79
C ASN C 128 -17.85 0.77 -7.00
N GLU C 129 -17.28 1.21 -5.87
CA GLU C 129 -16.40 0.36 -5.07
C GLU C 129 -17.13 -0.86 -4.55
N ASP C 130 -18.43 -0.76 -4.28
CA ASP C 130 -19.22 -1.88 -3.80
C ASP C 130 -19.38 -2.98 -4.84
N LEU C 131 -19.05 -2.71 -6.11
CA LEU C 131 -19.22 -3.65 -7.21
C LEU C 131 -20.68 -4.06 -7.40
N LYS C 132 -21.61 -3.18 -6.99
CA LYS C 132 -23.03 -3.47 -7.14
C LYS C 132 -23.78 -2.32 -7.81
N THR C 133 -23.26 -1.10 -7.69
CA THR C 133 -23.94 0.08 -8.23
C THR C 133 -23.04 0.82 -9.20
N TRP C 134 -23.66 1.66 -10.02
CA TRP C 134 -22.99 2.40 -11.08
C TRP C 134 -23.07 3.90 -10.80
N THR C 135 -22.03 4.63 -11.17
CA THR C 135 -22.02 6.09 -11.14
C THR C 135 -22.07 6.58 -12.58
N ALA C 136 -23.20 7.17 -12.96
CA ALA C 136 -23.38 7.72 -14.30
C ALA C 136 -23.16 9.23 -14.28
N ALA C 137 -22.37 9.72 -15.23
CA ALA C 137 -21.91 11.10 -15.20
C ALA C 137 -22.88 12.08 -15.86
N ASP C 138 -23.76 11.63 -16.73
CA ASP C 138 -24.65 12.55 -17.43
C ASP C 138 -25.92 11.80 -17.86
N MET C 139 -26.82 12.54 -18.52
CA MET C 139 -28.11 11.99 -18.91
C MET C 139 -27.96 10.81 -19.85
N ALA C 140 -27.01 10.90 -20.79
CA ALA C 140 -26.77 9.79 -21.70
C ALA C 140 -26.31 8.55 -20.95
N ALA C 141 -25.41 8.72 -19.98
CA ALA C 141 -24.91 7.60 -19.19
C ALA C 141 -25.99 6.97 -18.34
N LEU C 142 -27.06 7.69 -18.03
CA LEU C 142 -28.14 7.12 -17.24
C LEU C 142 -28.92 6.07 -18.02
N ILE C 143 -28.93 6.18 -19.35
CA ILE C 143 -29.59 5.16 -20.18
C ILE C 143 -28.85 3.84 -20.08
N THR C 144 -27.52 3.89 -20.13
CA THR C 144 -26.72 2.67 -20.00
C THR C 144 -26.93 2.03 -18.64
N LYS C 145 -27.03 2.84 -17.59
CA LYS C 145 -27.14 2.34 -16.23
C LYS C 145 -28.42 1.53 -16.05
N HIS C 146 -29.54 2.11 -16.50
CA HIS C 146 -30.84 1.40 -16.42
C HIS C 146 -30.74 0.05 -17.14
N LYS C 147 -30.20 0.04 -18.35
CA LYS C 147 -30.08 -1.22 -19.12
C LYS C 147 -29.17 -2.18 -18.35
N TRP C 148 -28.07 -1.67 -17.81
CA TRP C 148 -27.11 -2.52 -17.05
C TRP C 148 -27.74 -3.02 -15.75
N GLU C 149 -28.51 -2.18 -15.10
CA GLU C 149 -29.18 -2.59 -13.84
C GLU C 149 -30.14 -3.73 -14.16
N GLN C 150 -30.89 -3.60 -15.26
CA GLN C 150 -31.90 -4.61 -15.65
C GLN C 150 -31.27 -5.96 -15.96
N ALA C 151 -30.14 -5.97 -16.65
CA ALA C 151 -29.49 -7.23 -17.07
C ALA C 151 -28.56 -7.79 -16.00
N GLY C 152 -28.42 -7.14 -14.85
CA GLY C 152 -27.49 -7.58 -13.80
C GLY C 152 -26.04 -7.50 -14.22
N GLU C 153 -25.67 -6.46 -14.97
CA GLU C 153 -24.28 -6.31 -15.46
C GLU C 153 -23.31 -6.20 -14.28
N ALA C 154 -23.70 -5.54 -13.19
CA ALA C 154 -22.81 -5.43 -12.05
C ALA C 154 -22.46 -6.79 -11.48
N GLU C 155 -23.44 -7.70 -11.40
CA GLU C 155 -23.17 -9.05 -10.94
C GLU C 155 -22.17 -9.75 -11.86
N ARG C 156 -22.28 -9.51 -13.16
CA ARG C 156 -21.36 -10.13 -14.11
C ARG C 156 -19.95 -9.59 -13.94
N LEU C 157 -19.80 -8.28 -13.74
CA LEU C 157 -18.48 -7.71 -13.48
C LEU C 157 -17.91 -8.18 -12.15
N ARG C 158 -18.74 -8.25 -11.10
CA ARG C 158 -18.22 -8.69 -9.81
C ARG C 158 -17.68 -10.12 -9.90
N ALA C 159 -18.35 -10.97 -10.68
CA ALA C 159 -17.87 -12.34 -10.86
C ALA C 159 -16.56 -12.37 -11.64
N TYR C 160 -16.46 -11.56 -12.70
CA TYR C 160 -15.21 -11.50 -13.46
C TYR C 160 -14.09 -10.91 -12.61
N LEU C 161 -14.36 -9.80 -11.92
CA LEU C 161 -13.33 -9.11 -11.16
C LEU C 161 -12.83 -9.95 -10.00
N GLU C 162 -13.74 -10.58 -9.26
CA GLU C 162 -13.33 -11.37 -8.10
C GLU C 162 -12.75 -12.72 -8.51
N GLY C 163 -13.19 -13.28 -9.63
CA GLY C 163 -12.73 -14.60 -10.04
C GLY C 163 -11.77 -14.59 -11.22
N THR C 164 -12.30 -14.39 -12.42
CA THR C 164 -11.51 -14.53 -13.65
C THR C 164 -10.27 -13.62 -13.63
N CYS C 165 -10.47 -12.34 -13.32
CA CYS C 165 -9.37 -11.38 -13.33
C CYS C 165 -8.25 -11.81 -12.39
N VAL C 166 -8.62 -12.26 -11.19
CA VAL C 166 -7.61 -12.66 -10.20
C VAL C 166 -6.85 -13.89 -10.66
N GLU C 167 -7.56 -14.87 -11.23
CA GLU C 167 -6.91 -16.09 -11.67
C GLU C 167 -5.97 -15.84 -12.85
N TRP C 168 -6.37 -14.96 -13.77
CA TRP C 168 -5.49 -14.62 -14.89
C TRP C 168 -4.30 -13.80 -14.41
N LEU C 169 -4.52 -12.88 -13.47
CA LEU C 169 -3.41 -12.12 -12.90
C LEU C 169 -2.39 -13.05 -12.23
N ARG C 170 -2.87 -14.08 -11.53
CA ARG C 170 -1.97 -15.02 -10.89
C ARG C 170 -1.14 -15.75 -11.93
N ARG C 171 -1.78 -16.12 -13.04
CA ARG C 171 -1.10 -16.85 -14.11
C ARG C 171 -0.02 -15.99 -14.76
N TYR C 172 -0.35 -14.73 -15.07
CA TYR C 172 0.61 -13.85 -15.71
C TYR C 172 1.79 -13.55 -14.79
N LEU C 173 1.54 -13.38 -13.49
CA LEU C 173 2.62 -13.12 -12.56
C LEU C 173 3.57 -14.30 -12.49
N LYS C 174 3.03 -15.53 -12.56
CA LYS C 174 3.89 -16.71 -12.57
C LYS C 174 4.76 -16.75 -13.82
N ASN C 175 4.26 -16.24 -14.95
CA ASN C 175 5.08 -16.17 -16.15
C ASN C 175 6.23 -15.18 -15.99
N GLY C 176 6.01 -14.07 -15.28
CA GLY C 176 7.02 -13.05 -15.26
C GLY C 176 7.29 -12.33 -13.94
N ASN C 177 7.10 -13.02 -12.81
CA ASN C 177 7.37 -12.38 -11.52
C ASN C 177 8.82 -11.91 -11.44
N ALA C 178 9.76 -12.76 -11.86
CA ALA C 178 11.17 -12.39 -11.80
C ALA C 178 11.47 -11.18 -12.68
N THR C 179 10.90 -11.15 -13.90
CA THR C 179 11.09 -10.02 -14.78
C THR C 179 10.41 -8.77 -14.25
N LEU C 180 9.23 -8.92 -13.63
CA LEU C 180 8.47 -7.78 -13.16
C LEU C 180 9.01 -7.20 -11.85
N LEU C 181 9.71 -7.99 -11.04
CA LEU C 181 10.40 -7.45 -9.87
C LEU C 181 11.56 -6.53 -10.22
N ARG C 182 11.91 -6.44 -11.50
CA ARG C 182 13.04 -5.64 -11.93
C ARG C 182 12.91 -4.18 -11.49
N THR C 183 13.95 -3.70 -10.81
CA THR C 183 14.09 -2.28 -10.47
C THR C 183 15.48 -1.82 -10.87
N ASP C 184 15.55 -0.66 -11.52
CA ASP C 184 16.82 -0.03 -11.86
C ASP C 184 16.98 1.21 -10.99
N SER C 185 18.07 1.27 -10.24
CA SER C 185 18.32 2.42 -9.38
C SER C 185 18.74 3.62 -10.23
N PRO C 186 18.28 4.82 -9.89
CA PRO C 186 18.66 6.01 -10.66
C PRO C 186 20.15 6.30 -10.48
N LYS C 187 20.70 6.90 -11.52
CA LYS C 187 22.07 7.41 -11.54
C LYS C 187 21.98 8.92 -11.46
N ALA C 188 22.62 9.54 -10.46
CA ALA C 188 22.42 10.96 -10.28
C ALA C 188 23.71 11.74 -10.51
N HIS C 189 23.54 13.00 -10.94
CA HIS C 189 24.64 13.94 -11.11
C HIS C 189 24.04 15.33 -11.25
N VAL C 190 24.80 16.33 -10.82
CA VAL C 190 24.38 17.72 -10.83
C VAL C 190 25.18 18.48 -11.89
N THR C 191 24.49 19.31 -12.66
CA THR C 191 25.11 20.14 -13.68
C THR C 191 24.94 21.62 -13.32
N HIS C 192 25.77 22.46 -13.95
CA HIS C 192 25.93 23.86 -13.56
C HIS C 192 25.69 24.74 -14.79
N HIS C 193 24.76 25.68 -14.66
CA HIS C 193 24.40 26.56 -15.76
C HIS C 193 24.31 28.00 -15.26
N SER C 194 24.72 28.95 -16.09
N SER C 194 24.71 28.95 -16.11
CA SER C 194 24.82 30.34 -15.68
CA SER C 194 24.80 30.35 -15.76
C SER C 194 23.49 31.06 -15.87
C SER C 194 23.44 31.04 -15.89
N ARG C 195 23.29 32.11 -15.07
N ARG C 195 23.28 32.12 -15.15
CA ARG C 195 22.06 32.90 -15.09
CA ARG C 195 22.06 32.90 -15.13
C ARG C 195 22.41 34.38 -15.08
C ARG C 195 22.41 34.38 -15.08
N PRO C 196 21.46 35.26 -15.39
CA PRO C 196 21.71 36.71 -15.29
C PRO C 196 22.40 37.10 -14.00
N GLU C 197 23.36 38.01 -14.13
CA GLU C 197 24.02 38.64 -12.98
C GLU C 197 24.81 37.57 -12.24
N ASP C 198 24.74 37.62 -10.92
CA ASP C 198 25.34 36.84 -9.85
C ASP C 198 24.52 35.61 -9.42
N LYS C 199 24.01 34.86 -10.41
CA LYS C 199 23.09 33.74 -10.22
C LYS C 199 23.43 32.60 -11.16
N VAL C 200 23.28 31.36 -10.66
CA VAL C 200 23.54 30.15 -11.43
C VAL C 200 22.42 29.15 -11.18
N THR C 201 22.28 28.20 -12.11
CA THR C 201 21.29 27.13 -12.00
C THR C 201 21.98 25.82 -11.70
N LEU C 202 21.52 25.12 -10.68
CA LEU C 202 21.98 23.78 -10.34
C LEU C 202 20.87 22.81 -10.73
N ARG C 203 21.20 21.86 -11.62
CA ARG C 203 20.21 20.92 -12.14
C ARG C 203 20.59 19.51 -11.72
N CYS C 204 19.71 18.85 -10.98
CA CYS C 204 19.95 17.52 -10.45
C CYS C 204 19.27 16.49 -11.34
N TRP C 205 20.06 15.60 -11.93
CA TRP C 205 19.58 14.63 -12.90
C TRP C 205 19.43 13.25 -12.25
N ALA C 206 18.34 12.57 -12.58
CA ALA C 206 18.13 11.17 -12.23
C ALA C 206 17.87 10.40 -13.51
N LEU C 207 18.74 9.44 -13.82
CA LEU C 207 18.73 8.78 -15.12
C LEU C 207 18.77 7.27 -14.96
N GLY C 208 18.21 6.58 -15.94
CA GLY C 208 18.31 5.14 -16.03
C GLY C 208 17.60 4.37 -14.93
N PHE C 209 16.52 4.89 -14.39
CA PHE C 209 15.81 4.23 -13.30
C PHE C 209 14.50 3.63 -13.77
N TYR C 210 14.06 2.60 -13.04
CA TYR C 210 12.83 1.88 -13.28
C TYR C 210 12.41 1.29 -11.94
N PRO C 211 11.12 1.39 -11.56
CA PRO C 211 10.06 2.06 -12.30
C PRO C 211 10.14 3.58 -12.30
N ALA C 212 9.21 4.24 -12.98
CA ALA C 212 9.28 5.66 -13.26
C ALA C 212 9.17 6.53 -12.02
N ASP C 213 8.72 5.98 -10.89
CA ASP C 213 8.04 6.73 -9.86
C ASP C 213 9.08 7.09 -8.79
N ILE C 214 9.38 8.38 -8.65
CA ILE C 214 10.60 8.87 -8.03
C ILE C 214 10.35 10.25 -7.42
N THR C 215 11.27 10.69 -6.57
CA THR C 215 11.21 12.02 -5.95
C THR C 215 12.58 12.66 -5.96
N LEU C 216 12.64 13.94 -6.34
CA LEU C 216 13.85 14.74 -6.32
C LEU C 216 13.63 15.99 -5.50
N THR C 217 14.57 16.32 -4.62
CA THR C 217 14.48 17.51 -3.79
C THR C 217 15.81 18.25 -3.74
N TRP C 218 15.74 19.54 -3.43
CA TRP C 218 16.90 20.38 -3.21
C TRP C 218 16.81 20.98 -1.81
N GLN C 219 17.94 21.04 -1.10
CA GLN C 219 17.95 21.48 0.29
C GLN C 219 19.01 22.55 0.52
N LEU C 220 18.69 23.46 1.44
CA LEU C 220 19.59 24.51 1.93
C LEU C 220 19.36 24.65 3.42
N ASN C 221 20.39 24.48 4.24
CA ASN C 221 20.22 24.64 5.69
C ASN C 221 19.09 23.76 6.24
N GLY C 222 18.91 22.59 5.64
CA GLY C 222 17.92 21.63 6.10
C GLY C 222 16.54 21.78 5.49
N GLU C 223 16.12 23.00 5.14
CA GLU C 223 14.82 23.21 4.53
C GLU C 223 14.79 22.61 3.14
N GLU C 224 13.58 22.30 2.67
CA GLU C 224 13.37 21.80 1.30
C GLU C 224 12.95 23.03 0.49
N LEU C 225 13.45 23.19 -0.74
CA LEU C 225 13.19 24.40 -1.54
C LEU C 225 12.14 24.16 -2.62
N ILE C 226 11.14 23.32 -2.38
CA ILE C 226 10.12 22.97 -3.42
C ILE C 226 9.43 24.24 -3.98
N GLN C 227 9.15 25.25 -3.15
CA GLN C 227 8.50 26.49 -3.64
C GLN C 227 9.11 27.06 -4.94
N ASP C 228 10.41 27.41 -4.98
CA ASP C 228 10.98 28.06 -6.16
C ASP C 228 11.84 27.11 -6.98
N MET C 229 11.60 25.82 -6.87
CA MET C 229 12.30 24.78 -7.58
C MET C 229 11.58 24.47 -8.89
N GLU C 230 12.35 24.20 -9.95
CA GLU C 230 11.74 23.81 -11.22
C GLU C 230 11.89 22.31 -11.43
N LEU C 231 10.85 21.72 -12.02
CA LEU C 231 10.73 20.28 -12.19
C LEU C 231 10.24 19.98 -13.59
N VAL C 232 10.61 18.82 -14.11
CA VAL C 232 9.97 18.28 -15.31
C VAL C 232 9.28 16.98 -14.94
N GLU C 233 8.22 16.68 -15.68
CA GLU C 233 7.53 15.41 -15.52
C GLU C 233 8.48 14.28 -15.89
N THR C 234 8.35 13.16 -15.18
CA THR C 234 9.19 12.00 -15.47
C THR C 234 8.92 11.53 -16.89
N ARG C 235 9.99 11.25 -17.63
CA ARG C 235 9.91 10.99 -19.06
C ARG C 235 10.67 9.73 -19.42
N PRO C 236 10.18 8.98 -20.41
CA PRO C 236 10.86 7.74 -20.80
C PRO C 236 12.11 8.01 -21.62
N ALA C 237 13.16 7.24 -21.34
CA ALA C 237 14.37 7.33 -22.14
C ALA C 237 14.21 6.66 -23.50
N GLY C 238 13.20 5.80 -23.65
CA GLY C 238 13.02 5.04 -24.87
C GLY C 238 13.62 3.65 -24.85
N ASP C 239 14.41 3.33 -23.83
CA ASP C 239 14.99 2.00 -23.68
C ASP C 239 14.39 1.23 -22.51
N GLY C 240 13.26 1.68 -21.97
CA GLY C 240 12.62 1.05 -20.84
C GLY C 240 12.83 1.77 -19.52
N THR C 241 13.84 2.63 -19.43
CA THR C 241 14.12 3.39 -18.22
C THR C 241 13.54 4.80 -18.34
N PHE C 242 13.68 5.57 -17.27
CA PHE C 242 13.07 6.89 -17.17
C PHE C 242 14.10 7.93 -16.75
N GLN C 243 13.69 9.19 -16.87
CA GLN C 243 14.54 10.33 -16.53
C GLN C 243 13.71 11.36 -15.77
N LYS C 244 14.40 12.20 -15.01
CA LYS C 244 13.80 13.35 -14.35
C LYS C 244 14.92 14.28 -13.92
N TRP C 245 14.59 15.57 -13.81
CA TRP C 245 15.56 16.49 -13.23
C TRP C 245 14.85 17.57 -12.43
N ALA C 246 15.62 18.18 -11.54
CA ALA C 246 15.17 19.22 -10.64
C ALA C 246 16.23 20.30 -10.57
N SER C 247 15.82 21.56 -10.60
CA SER C 247 16.78 22.65 -10.64
C SER C 247 16.35 23.78 -9.71
N VAL C 248 17.36 24.44 -9.14
CA VAL C 248 17.17 25.63 -8.31
C VAL C 248 18.14 26.70 -8.79
N VAL C 249 17.76 27.96 -8.57
CA VAL C 249 18.60 29.10 -8.88
C VAL C 249 19.26 29.55 -7.59
N VAL C 250 20.59 29.54 -7.56
CA VAL C 250 21.33 29.82 -6.33
C VAL C 250 22.30 30.95 -6.59
N PRO C 251 22.74 31.64 -5.54
CA PRO C 251 23.74 32.70 -5.72
C PRO C 251 25.08 32.15 -6.19
N LEU C 252 25.76 32.95 -6.99
CA LEU C 252 27.09 32.57 -7.49
C LEU C 252 28.07 32.46 -6.31
N GLY C 253 28.77 31.34 -6.25
CA GLY C 253 29.70 31.07 -5.17
C GLY C 253 29.12 30.31 -4.00
N LYS C 254 27.79 30.17 -3.93
CA LYS C 254 27.12 29.45 -2.86
C LYS C 254 26.63 28.07 -3.28
N GLU C 255 27.25 27.48 -4.32
CA GLU C 255 26.73 26.24 -4.86
C GLU C 255 26.91 25.07 -3.91
N GLN C 256 27.99 25.08 -3.11
CA GLN C 256 28.26 24.02 -2.15
C GLN C 256 27.34 24.05 -0.93
N TYR C 257 26.46 25.05 -0.83
CA TYR C 257 25.51 25.13 0.27
C TYR C 257 24.21 24.40 -0.03
N TYR C 258 24.06 23.85 -1.22
CA TYR C 258 22.83 23.18 -1.64
C TYR C 258 23.12 21.71 -1.93
N THR C 259 22.20 20.84 -1.51
N THR C 259 22.16 20.86 -1.57
CA THR C 259 22.32 19.41 -1.74
CA THR C 259 22.29 19.42 -1.70
C THR C 259 21.06 18.90 -2.41
C THR C 259 21.04 18.87 -2.38
N CYS C 260 21.24 17.91 -3.28
CA CYS C 260 20.14 17.24 -3.96
C CYS C 260 19.90 15.87 -3.35
N HIS C 261 18.63 15.47 -3.28
CA HIS C 261 18.24 14.20 -2.70
C HIS C 261 17.34 13.45 -3.67
N VAL C 262 17.67 12.18 -3.89
CA VAL C 262 16.97 11.33 -4.87
C VAL C 262 16.34 10.17 -4.11
N TYR C 263 15.02 10.05 -4.21
CA TYR C 263 14.25 9.02 -3.51
C TYR C 263 13.70 8.04 -4.55
N HIS C 264 14.20 6.80 -4.51
CA HIS C 264 13.72 5.75 -5.41
C HIS C 264 13.72 4.42 -4.68
N GLN C 265 12.75 3.57 -5.05
CA GLN C 265 12.59 2.28 -4.39
C GLN C 265 13.73 1.31 -4.68
N GLY C 266 14.45 1.50 -5.78
CA GLY C 266 15.61 0.66 -6.05
C GLY C 266 16.83 1.00 -5.23
N LEU C 267 16.82 2.13 -4.52
CA LEU C 267 17.94 2.64 -3.76
C LEU C 267 17.96 2.02 -2.36
N PRO C 268 19.12 1.58 -1.88
CA PRO C 268 19.19 1.16 -0.47
C PRO C 268 18.77 2.26 0.49
N GLU C 269 19.16 3.48 0.19
CA GLU C 269 18.80 4.67 0.94
C GLU C 269 18.90 5.86 0.00
N PRO C 270 18.22 6.97 0.31
CA PRO C 270 18.17 8.08 -0.64
C PRO C 270 19.55 8.63 -0.98
N LEU C 271 19.73 9.00 -2.24
CA LEU C 271 20.99 9.55 -2.71
C LEU C 271 21.14 11.01 -2.23
N THR C 272 22.39 11.39 -1.99
CA THR C 272 22.73 12.74 -1.55
C THR C 272 23.94 13.21 -2.35
N LEU C 273 23.85 14.41 -2.92
CA LEU C 273 24.90 14.88 -3.82
C LEU C 273 24.84 16.40 -3.97
N ARG C 274 26.01 16.99 -4.25
CA ARG C 274 26.18 18.42 -4.53
C ARG C 274 26.80 18.63 -5.90
N TRP C 275 26.62 19.84 -6.43
CA TRP C 275 27.38 20.28 -7.60
C TRP C 275 28.85 20.11 -7.29
N GLU C 276 29.57 19.37 -8.12
CA GLU C 276 30.99 19.16 -7.86
C GLU C 276 31.71 19.53 -9.14
N PRO C 277 32.56 20.56 -9.13
CA PRO C 277 33.11 21.02 -10.39
C PRO C 277 34.13 20.02 -10.92
N PRO C 278 34.29 19.97 -12.25
CA PRO C 278 35.32 19.10 -12.81
C PRO C 278 36.70 19.57 -12.44
N PRO C 279 37.70 18.68 -12.37
CA PRO C 279 39.07 19.05 -12.01
C PRO C 279 39.76 19.87 -13.09
N GLN D 3 -11.35 19.56 -24.98
CA GLN D 3 -10.06 19.17 -25.51
C GLN D 3 -8.94 19.50 -24.53
N LYS D 4 -8.00 18.57 -24.38
CA LYS D 4 -6.74 18.76 -23.65
C LYS D 4 -5.69 19.31 -24.61
N THR D 5 -4.86 20.29 -24.13
CA THR D 5 -3.74 20.75 -24.97
C THR D 5 -2.51 19.89 -24.74
N PRO D 6 -1.81 19.45 -25.80
CA PRO D 6 -0.64 18.59 -25.59
C PRO D 6 0.49 19.29 -24.88
N GLN D 7 1.23 18.52 -24.09
CA GLN D 7 2.43 18.97 -23.40
C GLN D 7 3.63 18.25 -24.01
N ILE D 8 4.72 18.97 -24.25
CA ILE D 8 5.82 18.47 -25.06
C ILE D 8 7.14 18.62 -24.32
N GLN D 9 7.97 17.56 -24.37
CA GLN D 9 9.36 17.61 -23.92
C GLN D 9 10.25 17.10 -25.04
N VAL D 10 11.35 17.81 -25.29
CA VAL D 10 12.32 17.43 -26.30
C VAL D 10 13.66 17.23 -25.59
N TYR D 11 14.25 16.05 -25.78
CA TYR D 11 15.42 15.66 -25.00
C TYR D 11 16.07 14.45 -25.65
N SER D 12 17.35 14.24 -25.32
CA SER D 12 18.10 13.10 -25.82
C SER D 12 18.03 11.94 -24.84
N ARG D 13 18.13 10.72 -25.38
CA ARG D 13 18.14 9.53 -24.53
C ARG D 13 19.37 9.49 -23.65
N HIS D 14 20.53 9.67 -24.23
CA HIS D 14 21.78 9.75 -23.51
C HIS D 14 22.21 11.21 -23.38
N PRO D 15 23.05 11.53 -22.40
CA PRO D 15 23.60 12.88 -22.32
C PRO D 15 24.36 13.27 -23.58
N PRO D 16 24.09 14.45 -24.12
CA PRO D 16 24.56 14.80 -25.47
C PRO D 16 26.05 15.08 -25.51
N GLU D 17 26.73 14.41 -26.45
N GLU D 17 26.73 14.42 -26.45
CA GLU D 17 28.14 14.60 -26.73
CA GLU D 17 28.16 14.63 -26.70
C GLU D 17 28.29 14.93 -28.20
C GLU D 17 28.31 14.92 -28.18
N ASN D 18 28.86 16.10 -28.51
CA ASN D 18 29.01 16.50 -29.90
C ASN D 18 29.83 15.47 -30.66
N GLY D 19 29.28 15.02 -31.78
CA GLY D 19 29.92 14.02 -32.61
C GLY D 19 29.67 12.58 -32.21
N LYS D 20 28.80 12.34 -31.23
CA LYS D 20 28.56 10.98 -30.76
C LYS D 20 27.11 10.60 -30.97
N PRO D 21 26.84 9.48 -31.65
CA PRO D 21 25.45 9.13 -31.97
C PRO D 21 24.58 8.98 -30.73
N ASN D 22 23.31 9.35 -30.89
CA ASN D 22 22.37 9.46 -29.78
C ASN D 22 20.96 9.31 -30.34
N ILE D 23 19.97 9.48 -29.48
CA ILE D 23 18.56 9.46 -29.87
C ILE D 23 17.91 10.73 -29.34
N LEU D 24 17.14 11.42 -30.19
CA LEU D 24 16.38 12.57 -29.76
C LEU D 24 14.91 12.18 -29.62
N ASN D 25 14.34 12.49 -28.45
CA ASN D 25 12.98 12.10 -28.12
C ASN D 25 12.08 13.33 -28.14
N CYS D 26 10.82 13.11 -28.53
CA CYS D 26 9.77 14.11 -28.41
C CYS D 26 8.59 13.45 -27.69
N TYR D 27 8.40 13.80 -26.42
CA TYR D 27 7.43 13.16 -25.55
C TYR D 27 6.19 14.06 -25.45
N VAL D 28 5.09 13.62 -26.05
CA VAL D 28 3.85 14.39 -26.13
C VAL D 28 2.81 13.73 -25.25
N THR D 29 2.23 14.51 -24.33
CA THR D 29 1.33 13.98 -23.31
C THR D 29 0.14 14.91 -23.14
N GLN D 30 -0.85 14.44 -22.38
CA GLN D 30 -1.96 15.26 -21.90
C GLN D 30 -2.76 15.87 -23.04
N PHE D 31 -2.96 15.12 -24.12
CA PHE D 31 -3.74 15.60 -25.24
C PHE D 31 -4.95 14.70 -25.49
N HIS D 32 -6.02 15.32 -25.99
CA HIS D 32 -7.29 14.73 -26.32
C HIS D 32 -8.00 15.67 -27.28
N PRO D 33 -8.52 15.21 -28.43
CA PRO D 33 -8.63 13.85 -28.97
C PRO D 33 -7.27 13.23 -29.33
N PRO D 34 -7.24 11.92 -29.57
CA PRO D 34 -5.95 11.27 -29.85
C PRO D 34 -5.36 11.59 -31.21
N HIS D 35 -6.13 12.14 -32.13
CA HIS D 35 -5.55 12.47 -33.46
C HIS D 35 -4.49 13.55 -33.30
N ILE D 36 -3.27 13.26 -33.70
CA ILE D 36 -2.18 14.26 -33.56
C ILE D 36 -1.14 14.05 -34.66
N GLU D 37 -0.45 15.13 -35.03
N GLU D 37 -0.45 15.12 -35.04
CA GLU D 37 0.63 15.07 -36.06
CA GLU D 37 0.63 15.05 -36.05
C GLU D 37 1.91 15.60 -35.40
C GLU D 37 1.90 15.59 -35.39
N ILE D 38 2.95 14.79 -35.38
CA ILE D 38 4.23 15.19 -34.74
C ILE D 38 5.36 15.13 -35.77
N GLN D 39 6.13 16.20 -35.89
CA GLN D 39 7.29 16.19 -36.80
C GLN D 39 8.50 16.71 -36.05
N MET D 40 9.66 16.19 -36.40
CA MET D 40 10.91 16.64 -35.77
C MET D 40 11.66 17.42 -36.85
N LEU D 41 12.22 18.57 -36.48
CA LEU D 41 12.92 19.44 -37.45
C LEU D 41 14.40 19.56 -37.10
N LYS D 42 15.22 19.59 -38.13
CA LYS D 42 16.65 19.87 -38.00
C LYS D 42 16.96 21.12 -38.80
N ASN D 43 17.32 22.19 -38.10
CA ASN D 43 17.62 23.49 -38.72
C ASN D 43 16.44 24.00 -39.55
N GLY D 44 15.24 23.85 -39.01
CA GLY D 44 14.03 24.35 -39.64
C GLY D 44 13.38 23.42 -40.63
N LYS D 45 14.04 22.32 -40.97
CA LYS D 45 13.56 21.37 -41.97
C LYS D 45 13.09 20.06 -41.35
N LYS D 46 12.02 19.50 -41.91
CA LYS D 46 11.49 18.24 -41.44
C LYS D 46 12.52 17.11 -41.55
N ILE D 47 12.60 16.30 -40.49
CA ILE D 47 13.40 15.08 -40.48
C ILE D 47 12.55 13.94 -41.03
N PRO D 48 13.01 13.20 -42.04
CA PRO D 48 12.15 12.19 -42.68
C PRO D 48 11.94 10.91 -41.88
N LYS D 49 13.01 10.38 -41.28
CA LYS D 49 12.96 9.08 -40.59
C LYS D 49 12.69 9.30 -39.10
N VAL D 50 11.42 9.50 -38.76
CA VAL D 50 11.02 9.74 -37.38
C VAL D 50 10.18 8.56 -36.91
N GLU D 51 10.68 7.85 -35.89
CA GLU D 51 9.99 6.70 -35.35
C GLU D 51 8.94 7.13 -34.33
N MET D 52 7.81 6.42 -34.31
CA MET D 52 6.72 6.70 -33.39
C MET D 52 6.38 5.46 -32.57
N SER D 53 6.25 5.66 -31.26
CA SER D 53 5.79 4.60 -30.38
C SER D 53 4.28 4.41 -30.54
N ASP D 54 3.80 3.28 -30.03
CA ASP D 54 2.36 3.05 -29.98
C ASP D 54 1.72 4.03 -29.00
N MET D 55 0.48 4.41 -29.29
CA MET D 55 -0.18 5.37 -28.43
C MET D 55 -0.79 4.68 -27.21
N SER D 56 -0.75 5.39 -26.09
CA SER D 56 -1.32 4.94 -24.84
C SER D 56 -2.11 6.09 -24.24
N PHE D 57 -2.86 5.80 -23.17
CA PHE D 57 -3.54 6.85 -22.44
C PHE D 57 -3.47 6.56 -20.95
N SER D 58 -3.57 7.63 -20.16
CA SER D 58 -3.34 7.58 -18.73
C SER D 58 -4.67 7.51 -17.97
N LYS D 59 -4.58 7.51 -16.65
CA LYS D 59 -5.75 7.36 -15.80
C LYS D 59 -6.74 8.51 -15.97
N ASP D 60 -6.28 9.69 -16.37
CA ASP D 60 -7.16 10.83 -16.61
C ASP D 60 -7.69 10.88 -18.04
N TRP D 61 -7.52 9.80 -18.80
CA TRP D 61 -7.97 9.55 -20.17
C TRP D 61 -7.12 10.29 -21.22
N SER D 62 -6.19 11.16 -20.83
CA SER D 62 -5.38 11.87 -21.81
C SER D 62 -4.36 10.91 -22.43
N PHE D 63 -4.07 11.15 -23.71
CA PHE D 63 -3.17 10.27 -24.46
C PHE D 63 -1.72 10.73 -24.34
N TYR D 64 -0.81 9.82 -24.67
CA TYR D 64 0.61 10.12 -24.68
C TYR D 64 1.32 9.19 -25.65
N ILE D 65 2.45 9.67 -26.19
CA ILE D 65 3.16 8.98 -27.26
C ILE D 65 4.59 9.52 -27.29
N LEU D 66 5.51 8.68 -27.76
CA LEU D 66 6.93 9.02 -27.82
C LEU D 66 7.41 8.92 -29.26
N ALA D 67 7.85 10.04 -29.82
CA ALA D 67 8.50 10.07 -31.12
C ALA D 67 10.01 10.17 -30.91
N HIS D 68 10.76 9.45 -31.73
CA HIS D 68 12.21 9.46 -31.58
C HIS D 68 12.89 9.30 -32.94
N THR D 69 14.08 9.87 -33.05
CA THR D 69 14.90 9.78 -34.24
C THR D 69 16.37 9.74 -33.83
N GLU D 70 17.18 9.10 -34.65
CA GLU D 70 18.62 9.05 -34.42
C GLU D 70 19.25 10.36 -34.88
N PHE D 71 20.25 10.80 -34.12
CA PHE D 71 20.95 12.03 -34.50
C PHE D 71 22.31 12.07 -33.80
N THR D 72 23.25 12.76 -34.44
CA THR D 72 24.56 13.01 -33.84
C THR D 72 24.56 14.50 -33.54
N PRO D 73 24.52 14.91 -32.27
CA PRO D 73 24.50 16.32 -31.94
C PRO D 73 25.80 17.04 -32.34
N THR D 74 25.64 18.29 -32.71
CA THR D 74 26.78 19.16 -33.04
C THR D 74 26.64 20.45 -32.23
N GLU D 75 27.69 21.24 -32.16
CA GLU D 75 27.61 22.49 -31.39
C GLU D 75 26.56 23.46 -31.96
N THR D 76 26.36 23.49 -33.28
CA THR D 76 25.49 24.49 -33.91
C THR D 76 24.20 23.95 -34.53
N ASP D 77 23.99 22.64 -34.60
CA ASP D 77 22.72 22.13 -35.18
C ASP D 77 21.54 22.40 -34.24
N THR D 78 20.44 22.90 -34.80
CA THR D 78 19.22 23.21 -34.02
C THR D 78 18.15 22.14 -34.29
N TYR D 79 17.58 21.59 -33.22
CA TYR D 79 16.52 20.61 -33.36
C TYR D 79 15.26 21.09 -32.67
N ALA D 80 14.11 20.63 -33.16
CA ALA D 80 12.82 21.02 -32.61
C ALA D 80 11.80 19.92 -32.90
N CYS D 81 10.66 20.04 -32.24
CA CYS D 81 9.54 19.12 -32.43
C CYS D 81 8.29 19.95 -32.66
N ARG D 82 7.59 19.72 -33.77
CA ARG D 82 6.40 20.46 -34.14
C ARG D 82 5.18 19.57 -34.02
N VAL D 83 4.16 20.04 -33.30
CA VAL D 83 2.96 19.28 -33.02
C VAL D 83 1.75 20.07 -33.49
N LYS D 84 0.89 19.40 -34.26
CA LYS D 84 -0.38 19.97 -34.74
C LYS D 84 -1.51 19.18 -34.08
N HIS D 85 -2.37 19.86 -33.33
CA HIS D 85 -3.48 19.21 -32.60
C HIS D 85 -4.67 20.17 -32.64
N ASP D 86 -5.88 19.63 -32.63
CA ASP D 86 -7.14 20.40 -32.73
C ASP D 86 -7.38 21.37 -31.58
N SER D 87 -6.81 21.09 -30.41
CA SER D 87 -6.91 21.96 -29.22
C SER D 87 -6.23 23.31 -29.48
N MET D 88 -5.19 23.34 -30.29
CA MET D 88 -4.42 24.57 -30.57
C MET D 88 -4.78 25.18 -31.92
N ALA D 89 -4.82 26.51 -31.97
CA ALA D 89 -5.10 27.24 -33.21
C ALA D 89 -4.00 27.02 -34.24
N GLU D 90 -2.75 26.96 -33.79
CA GLU D 90 -1.57 26.86 -34.64
C GLU D 90 -0.67 25.76 -34.13
N PRO D 91 0.22 25.24 -34.98
CA PRO D 91 1.16 24.20 -34.52
C PRO D 91 2.15 24.77 -33.51
N LYS D 92 2.40 23.99 -32.46
CA LYS D 92 3.37 24.37 -31.44
C LYS D 92 4.71 23.72 -31.74
N THR D 93 5.76 24.54 -31.76
CA THR D 93 7.13 24.06 -31.97
C THR D 93 7.93 24.25 -30.69
N VAL D 94 8.57 23.17 -30.24
CA VAL D 94 9.40 23.19 -29.04
C VAL D 94 10.83 22.84 -29.46
N TYR D 95 11.78 23.70 -29.11
CA TYR D 95 13.16 23.51 -29.50
C TYR D 95 13.93 22.75 -28.43
N TRP D 96 14.84 21.89 -28.89
CA TRP D 96 15.65 21.08 -27.99
C TRP D 96 16.65 21.95 -27.24
N ASP D 97 16.68 21.80 -25.92
CA ASP D 97 17.66 22.45 -25.06
C ASP D 97 18.51 21.35 -24.44
N ARG D 98 19.79 21.32 -24.77
CA ARG D 98 20.65 20.22 -24.34
C ARG D 98 20.96 20.25 -22.84
N ASP D 99 20.54 21.31 -22.14
CA ASP D 99 20.64 21.36 -20.69
C ASP D 99 19.35 20.95 -19.99
N MET D 100 18.39 20.40 -20.73
CA MET D 100 17.06 20.16 -20.19
C MET D 100 16.50 18.83 -20.65
N SER E 1 14.71 5.09 17.43
CA SER E 1 14.94 5.85 18.67
C SER E 1 13.70 6.68 19.00
N ILE E 2 13.10 6.41 20.15
CA ILE E 2 11.88 7.16 20.56
C ILE E 2 12.27 8.62 20.85
N ILE E 3 11.33 9.52 20.61
CA ILE E 3 11.48 10.98 20.87
C ILE E 3 11.45 11.23 22.37
N GLN E 4 12.07 12.34 22.78
CA GLN E 4 11.97 12.83 24.17
C GLN E 4 10.60 13.49 24.26
N PHE E 5 9.78 13.03 25.18
CA PHE E 5 8.40 13.55 25.34
C PHE E 5 8.41 14.93 25.99
N GLU E 6 7.40 15.71 25.67
CA GLU E 6 7.18 17.06 26.24
C GLU E 6 5.99 16.94 27.22
N HIS E 7 6.02 17.71 28.30
CA HIS E 7 4.96 17.66 29.34
C HIS E 7 3.61 18.06 28.76
N LEU E 8 2.55 17.45 29.29
CA LEU E 8 1.14 17.76 28.94
C LEU E 8 0.72 19.03 29.69
N SER F 1 -6.68 -11.87 -18.95
CA SER F 1 -7.71 -11.99 -20.02
C SER F 1 -8.79 -10.94 -19.82
N ILE F 2 -8.92 -10.05 -20.80
CA ILE F 2 -9.93 -8.95 -20.74
C ILE F 2 -11.34 -9.54 -20.84
N ILE F 3 -12.28 -8.84 -20.23
CA ILE F 3 -13.70 -9.24 -20.23
C ILE F 3 -14.31 -9.01 -21.62
N GLN F 4 -15.37 -9.76 -21.89
CA GLN F 4 -16.17 -9.51 -23.11
C GLN F 4 -17.13 -8.38 -22.73
N PHE F 5 -17.00 -7.25 -23.37
CA PHE F 5 -17.83 -6.07 -23.03
C PHE F 5 -19.27 -6.23 -23.50
N GLU F 6 -20.15 -5.58 -22.75
CA GLU F 6 -21.60 -5.51 -23.03
C GLU F 6 -21.87 -4.13 -23.66
N HIS F 7 -22.92 -4.03 -24.46
CA HIS F 7 -23.29 -2.79 -25.17
C HIS F 7 -23.69 -1.69 -24.19
N LEU F 8 -23.40 -0.44 -24.58
CA LEU F 8 -23.75 0.81 -23.86
C LEU F 8 -25.22 1.14 -24.14
#